data_5MAM
#
_entry.id   5MAM
#
_cell.length_a   158.960
_cell.length_b   158.960
_cell.length_c   76.530
_cell.angle_alpha   90.00
_cell.angle_beta   90.00
_cell.angle_gamma   120.00
#
_symmetry.space_group_name_H-M   'H 3'
#
loop_
_entity.id
_entity.type
_entity.pdbx_description
1 polymer 'Insulin A chain'
2 polymer 'Insulin B chain'
3 non-polymer 'ZINC ION'
4 non-polymer 'CHLORIDE ION'
5 non-polymer SEROTONIN
6 water water
#
loop_
_entity_poly.entity_id
_entity_poly.type
_entity_poly.pdbx_seq_one_letter_code
_entity_poly.pdbx_strand_id
1 'polypeptide(L)' GIVEQCCTSICSLYQLENYCN A,C,E,G,I,K,M,O,Q,S,U,W,Y,0,2,4
2 'polypeptide(L)' FVNQHLCGSHLVEALYLVCGERGFFYTPKT B,D,F,H,J,L,N,P,R,T,V,X,Z,1,3,5
#
loop_
_chem_comp.id
_chem_comp.type
_chem_comp.name
_chem_comp.formula
CL non-polymer 'CHLORIDE ION' 'Cl -1'
SRO non-polymer SEROTONIN 'C10 H12 N2 O'
ZN non-polymer 'ZINC ION' 'Zn 2'
#
# COMPACT_ATOMS: atom_id res chain seq x y z
N ILE A 2 -11.95 -30.05 11.04
CA ILE A 2 -11.42 -29.53 12.35
C ILE A 2 -12.01 -30.29 13.52
N VAL A 3 -13.33 -30.46 13.50
CA VAL A 3 -14.02 -31.24 14.51
C VAL A 3 -13.73 -32.76 14.42
N GLU A 4 -13.02 -33.21 13.39
CA GLU A 4 -12.48 -34.58 13.33
C GLU A 4 -11.02 -34.56 13.76
N GLN A 5 -10.24 -33.70 13.11
CA GLN A 5 -8.86 -33.36 13.50
C GLN A 5 -8.67 -33.09 15.01
N CYS A 6 -9.67 -32.49 15.66
CA CYS A 6 -9.52 -32.04 17.04
C CYS A 6 -10.52 -32.56 18.07
N CYS A 7 -11.76 -32.86 17.67
CA CYS A 7 -12.70 -33.43 18.63
C CYS A 7 -12.61 -34.96 18.60
N THR A 8 -12.94 -35.55 17.44
CA THR A 8 -12.83 -37.00 17.20
C THR A 8 -11.39 -37.48 17.50
N SER A 9 -10.47 -37.27 16.57
CA SER A 9 -9.02 -37.47 16.84
C SER A 9 -8.51 -36.32 17.68
N ILE A 10 -7.32 -36.47 18.24
CA ILE A 10 -6.66 -35.39 18.98
C ILE A 10 -5.85 -34.49 18.04
N CYS A 11 -5.54 -33.29 18.52
CA CYS A 11 -4.66 -32.33 17.80
C CYS A 11 -3.90 -31.42 18.77
N SER A 12 -2.77 -30.91 18.29
CA SER A 12 -1.98 -29.97 19.08
C SER A 12 -2.52 -28.56 18.90
N LEU A 13 -1.97 -27.61 19.65
CA LEU A 13 -2.18 -26.20 19.36
C LEU A 13 -1.44 -25.73 18.12
N TYR A 14 -0.36 -26.44 17.77
CA TYR A 14 0.43 -26.15 16.57
C TYR A 14 -0.29 -26.60 15.30
N GLN A 15 -0.96 -27.76 15.36
CA GLN A 15 -1.78 -28.25 14.27
C GLN A 15 -2.95 -27.28 14.02
N LEU A 16 -3.42 -26.64 15.09
CA LEU A 16 -4.46 -25.64 15.02
C LEU A 16 -4.01 -24.37 14.27
N GLU A 17 -2.73 -24.03 14.38
CA GLU A 17 -2.16 -22.87 13.64
C GLU A 17 -2.41 -22.95 12.12
N ASN A 18 -2.61 -24.17 11.59
CA ASN A 18 -2.99 -24.41 10.18
C ASN A 18 -4.36 -23.83 9.78
N TYR A 19 -5.25 -23.54 10.75
CA TYR A 19 -6.60 -22.99 10.52
C TYR A 19 -6.73 -21.48 10.59
N CYS A 20 -5.67 -20.77 10.93
CA CYS A 20 -5.74 -19.33 11.10
C CYS A 20 -5.88 -18.62 9.76
N ASN A 21 -6.07 -17.31 9.83
CA ASN A 21 -5.92 -16.44 8.68
C ASN A 21 -4.59 -15.70 8.81
N GLN B 4 -5.75 -33.77 25.34
CA GLN B 4 -7.24 -33.89 25.54
C GLN B 4 -8.03 -33.59 24.23
N HIS B 5 -9.27 -34.09 24.16
CA HIS B 5 -10.15 -33.87 23.01
C HIS B 5 -10.72 -32.43 23.08
N LEU B 6 -10.51 -31.64 22.01
CA LEU B 6 -11.09 -30.31 21.84
C LEU B 6 -12.42 -30.36 21.08
N CYS B 7 -13.53 -30.26 21.79
CA CYS B 7 -14.85 -30.42 21.25
C CYS B 7 -15.77 -29.24 21.60
N GLY B 8 -16.75 -29.01 20.72
CA GLY B 8 -17.62 -27.85 20.72
C GLY B 8 -16.95 -26.49 20.98
N SER B 9 -17.38 -25.87 22.07
CA SER B 9 -16.94 -24.57 22.50
C SER B 9 -15.45 -24.49 22.86
N HIS B 10 -14.86 -25.63 23.23
CA HIS B 10 -13.49 -25.64 23.67
C HIS B 10 -12.61 -25.63 22.44
N LEU B 11 -13.09 -26.15 21.32
CA LEU B 11 -12.29 -26.13 20.08
C LEU B 11 -12.17 -24.69 19.56
N VAL B 12 -13.28 -23.97 19.59
CA VAL B 12 -13.31 -22.53 19.29
C VAL B 12 -12.40 -21.75 20.20
N GLU B 13 -12.40 -22.06 21.50
CA GLU B 13 -11.48 -21.39 22.44
C GLU B 13 -10.03 -21.73 22.13
N ALA B 14 -9.73 -22.97 21.72
CA ALA B 14 -8.39 -23.37 21.33
C ALA B 14 -7.98 -22.62 20.06
N LEU B 15 -8.87 -22.57 19.07
CA LEU B 15 -8.68 -21.74 17.87
C LEU B 15 -8.40 -20.26 18.21
N TYR B 16 -9.12 -19.68 19.16
CA TYR B 16 -8.87 -18.30 19.55
C TYR B 16 -7.52 -18.13 20.26
N LEU B 17 -7.07 -19.11 21.05
CA LEU B 17 -5.73 -19.06 21.65
C LEU B 17 -4.61 -18.98 20.58
N VAL B 18 -4.75 -19.73 19.51
CA VAL B 18 -3.72 -19.78 18.45
C VAL B 18 -3.85 -18.65 17.39
N CYS B 19 -5.06 -18.43 16.88
CA CYS B 19 -5.31 -17.50 15.74
C CYS B 19 -5.97 -16.16 16.05
N GLY B 20 -6.31 -15.90 17.32
CA GLY B 20 -7.16 -14.77 17.65
C GLY B 20 -6.63 -13.37 17.34
N GLU B 21 -5.30 -13.24 17.26
CA GLU B 21 -4.66 -11.99 16.80
C GLU B 21 -4.91 -11.83 15.31
N ARG B 22 -4.80 -12.93 14.55
CA ARG B 22 -4.80 -12.93 13.08
C ARG B 22 -6.13 -13.36 12.43
N GLY B 23 -7.16 -13.61 13.23
CA GLY B 23 -8.44 -14.15 12.74
C GLY B 23 -8.46 -15.58 12.24
N PHE B 24 -9.65 -16.15 12.13
CA PHE B 24 -9.79 -17.49 11.62
C PHE B 24 -11.22 -17.72 11.18
N PHE B 25 -11.45 -18.88 10.56
CA PHE B 25 -12.74 -19.33 10.07
C PHE B 25 -13.12 -20.57 10.86
N TYR B 26 -14.38 -20.69 11.26
CA TYR B 26 -14.86 -21.91 11.91
C TYR B 26 -16.01 -22.45 11.12
N THR B 27 -15.79 -23.60 10.47
CA THR B 27 -16.76 -24.24 9.56
C THR B 27 -16.89 -25.71 9.93
N PRO B 28 -17.94 -26.07 10.71
CA PRO B 28 -18.14 -27.46 11.16
C PRO B 28 -18.23 -28.55 10.08
N LYS B 29 -19.02 -28.32 9.03
CA LYS B 29 -19.16 -29.27 7.90
C LYS B 29 -18.26 -28.89 6.72
N GLY C 1 -15.75 -5.93 10.66
CA GLY C 1 -15.02 -5.32 11.81
C GLY C 1 -15.75 -5.56 13.11
N ILE C 2 -16.00 -6.85 13.40
CA ILE C 2 -16.76 -7.29 14.60
C ILE C 2 -16.17 -6.78 15.91
N VAL C 3 -14.85 -6.67 16.01
CA VAL C 3 -14.22 -6.09 17.20
C VAL C 3 -14.62 -4.62 17.31
N GLU C 4 -14.50 -3.90 16.20
CA GLU C 4 -14.89 -2.50 16.15
C GLU C 4 -16.36 -2.29 16.49
N GLN C 5 -17.26 -3.06 15.89
CA GLN C 5 -18.72 -2.90 16.16
C GLN C 5 -19.06 -3.37 17.57
N CYS C 6 -18.61 -4.57 17.94
CA CYS C 6 -19.18 -5.33 19.06
C CYS C 6 -18.40 -5.35 20.39
N CYS C 7 -17.17 -4.84 20.41
CA CYS C 7 -16.49 -4.49 21.67
C CYS C 7 -16.62 -2.96 22.01
N THR C 8 -17.60 -2.28 21.41
CA THR C 8 -17.86 -0.83 21.63
C THR C 8 -19.19 -0.67 22.35
N SER C 9 -20.26 -1.14 21.70
CA SER C 9 -21.58 -1.29 22.34
C SER C 9 -21.93 -2.78 22.48
N ILE C 10 -22.99 -3.07 23.23
CA ILE C 10 -23.50 -4.42 23.37
C ILE C 10 -24.33 -4.76 22.13
N CYS C 11 -23.66 -5.33 21.12
CA CYS C 11 -24.31 -5.93 19.95
C CYS C 11 -25.46 -6.85 20.29
N SER C 12 -26.44 -6.91 19.38
CA SER C 12 -27.54 -7.84 19.45
C SER C 12 -27.19 -9.15 18.78
N LEU C 13 -28.04 -10.15 18.99
CA LEU C 13 -27.85 -11.46 18.40
C LEU C 13 -27.92 -11.44 16.86
N TYR C 14 -28.96 -10.78 16.32
CA TYR C 14 -29.07 -10.46 14.89
C TYR C 14 -27.82 -9.70 14.35
N GLN C 15 -27.24 -8.83 15.18
CA GLN C 15 -25.98 -8.18 14.83
C GLN C 15 -24.78 -9.15 14.72
N LEU C 16 -24.69 -10.10 15.68
CA LEU C 16 -23.62 -11.08 15.70
C LEU C 16 -23.81 -12.08 14.58
N GLU C 17 -25.06 -12.22 14.14
CA GLU C 17 -25.40 -13.16 13.08
C GLU C 17 -24.87 -12.72 11.69
N ASN C 18 -24.43 -11.46 11.55
CA ASN C 18 -23.81 -11.03 10.28
C ASN C 18 -22.43 -11.61 10.08
N TYR C 19 -21.86 -12.19 11.12
CA TYR C 19 -20.58 -12.86 11.00
C TYR C 19 -20.73 -14.37 10.89
N CYS C 20 -21.95 -14.88 10.81
CA CYS C 20 -22.14 -16.28 10.48
C CYS C 20 -21.84 -16.48 8.98
N ASN C 21 -21.40 -17.69 8.64
CA ASN C 21 -21.00 -18.08 7.28
C ASN C 21 -22.21 -18.24 6.36
N PHE D 1 -6.79 -2.65 22.30
CA PHE D 1 -6.57 -4.03 21.76
C PHE D 1 -6.10 -5.09 22.80
N VAL D 2 -6.24 -4.82 24.10
CA VAL D 2 -6.06 -5.84 25.18
C VAL D 2 -7.42 -6.15 25.82
N ASN D 3 -8.18 -5.11 26.11
CA ASN D 3 -9.59 -5.24 26.49
C ASN D 3 -10.34 -5.84 25.32
N GLN D 4 -9.89 -5.55 24.09
CA GLN D 4 -10.52 -6.10 22.88
C GLN D 4 -10.19 -7.55 22.65
N HIS D 5 -8.95 -7.94 22.95
CA HIS D 5 -8.54 -9.35 22.80
C HIS D 5 -9.43 -10.24 23.69
N LEU D 6 -9.55 -9.83 24.96
CA LEU D 6 -10.41 -10.49 25.93
C LEU D 6 -11.85 -10.57 25.41
N CYS D 7 -12.35 -9.42 24.95
CA CYS D 7 -13.64 -9.31 24.26
C CYS D 7 -13.76 -10.22 23.05
N GLY D 8 -12.67 -10.38 22.32
CA GLY D 8 -12.66 -11.33 21.21
C GLY D 8 -12.95 -12.78 21.62
N SER D 9 -12.46 -13.14 22.81
CA SER D 9 -12.65 -14.46 23.38
C SER D 9 -14.13 -14.67 23.60
N HIS D 10 -14.80 -13.68 24.22
CA HIS D 10 -16.25 -13.69 24.38
C HIS D 10 -17.03 -13.71 23.03
N LEU D 11 -16.58 -12.96 22.03
CA LEU D 11 -17.32 -12.91 20.76
C LEU D 11 -17.33 -14.24 20.04
N VAL D 12 -16.19 -14.90 19.91
CA VAL D 12 -16.13 -16.16 19.12
C VAL D 12 -16.95 -17.25 19.83
N GLU D 13 -17.06 -17.13 21.17
CA GLU D 13 -17.92 -18.01 21.94
C GLU D 13 -19.36 -17.72 21.72
N ALA D 14 -19.74 -16.43 21.63
CA ALA D 14 -21.10 -16.05 21.27
C ALA D 14 -21.46 -16.52 19.82
N LEU D 15 -20.55 -16.28 18.87
CA LEU D 15 -20.72 -16.73 17.49
C LEU D 15 -20.81 -18.28 17.41
N TYR D 16 -20.03 -19.00 18.21
CA TYR D 16 -20.13 -20.48 18.21
C TYR D 16 -21.54 -20.93 18.43
N LEU D 17 -22.19 -20.33 19.42
CA LEU D 17 -23.58 -20.63 19.79
C LEU D 17 -24.66 -20.03 18.83
N VAL D 18 -24.45 -18.81 18.36
CA VAL D 18 -25.41 -18.12 17.49
C VAL D 18 -25.52 -18.76 16.10
N CYS D 19 -24.37 -19.18 15.54
CA CYS D 19 -24.30 -19.64 14.16
C CYS D 19 -24.65 -21.12 13.99
N GLY D 20 -24.20 -21.94 14.93
CA GLY D 20 -24.53 -23.37 14.93
C GLY D 20 -23.79 -24.09 13.81
N GLU D 21 -24.54 -24.84 13.00
CA GLU D 21 -23.97 -25.62 11.89
C GLU D 21 -23.38 -24.79 10.74
N ARG D 22 -23.83 -23.55 10.57
N ARG D 22 -23.87 -23.55 10.56
CA ARG D 22 -23.26 -22.66 9.57
CA ARG D 22 -23.29 -22.59 9.62
C ARG D 22 -21.82 -22.27 9.88
C ARG D 22 -21.82 -22.35 9.91
N GLY D 23 -21.52 -22.06 11.17
CA GLY D 23 -20.17 -21.65 11.58
C GLY D 23 -20.00 -20.16 11.30
N PHE D 24 -18.80 -19.63 11.49
CA PHE D 24 -18.58 -18.18 11.39
C PHE D 24 -17.18 -17.87 10.95
N PHE D 25 -16.93 -16.58 10.80
CA PHE D 25 -15.60 -16.06 10.58
C PHE D 25 -15.43 -14.98 11.60
N TYR D 26 -14.20 -14.87 12.10
CA TYR D 26 -13.77 -13.88 13.05
C TYR D 26 -12.51 -13.25 12.46
N THR D 27 -12.41 -11.92 12.52
CA THR D 27 -11.26 -11.17 11.97
C THR D 27 -11.13 -9.71 12.41
N PRO D 28 -10.17 -9.40 13.29
CA PRO D 28 -9.88 -7.97 13.57
C PRO D 28 -9.26 -7.22 12.38
N ILE E 2 5.62 -7.06 6.32
CA ILE E 2 6.37 -6.44 5.14
C ILE E 2 7.48 -7.37 4.62
N VAL E 3 8.14 -8.09 5.52
CA VAL E 3 9.09 -9.15 5.20
C VAL E 3 8.42 -10.28 4.36
N GLU E 4 7.15 -10.61 4.66
CA GLU E 4 6.39 -11.56 3.83
C GLU E 4 6.20 -10.99 2.43
N GLN E 5 5.60 -9.81 2.37
CA GLN E 5 5.40 -9.06 1.13
C GLN E 5 6.66 -8.84 0.26
N CYS E 6 7.84 -8.66 0.87
CA CYS E 6 9.04 -8.19 0.13
C CYS E 6 10.32 -9.02 0.19
N CYS E 7 10.52 -9.80 1.25
CA CYS E 7 11.66 -10.72 1.34
C CYS E 7 11.30 -12.13 0.88
N THR E 8 10.29 -12.73 1.52
CA THR E 8 9.80 -14.08 1.15
C THR E 8 9.09 -14.06 -0.21
N SER E 9 8.12 -13.17 -0.40
CA SER E 9 7.56 -12.89 -1.75
C SER E 9 8.28 -11.71 -2.39
N ILE E 10 7.90 -11.34 -3.61
CA ILE E 10 8.43 -10.14 -4.29
C ILE E 10 7.49 -8.92 -4.19
N CYS E 11 8.08 -7.72 -4.13
CA CYS E 11 7.32 -6.45 -4.11
C CYS E 11 8.10 -5.35 -4.82
N SER E 12 7.38 -4.44 -5.48
CA SER E 12 8.00 -3.32 -6.13
C SER E 12 8.19 -2.16 -5.13
N LEU E 13 8.78 -1.05 -5.60
CA LEU E 13 8.86 0.19 -4.80
C LEU E 13 7.50 0.86 -4.73
N TYR E 14 6.69 0.56 -5.73
CA TYR E 14 5.32 1.02 -5.77
C TYR E 14 4.54 0.35 -4.65
N GLN E 15 4.75 -0.94 -4.45
CA GLN E 15 4.13 -1.66 -3.37
C GLN E 15 4.61 -1.13 -2.02
N LEU E 16 5.91 -0.82 -1.91
CA LEU E 16 6.47 -0.29 -0.63
C LEU E 16 5.91 1.06 -0.20
N GLU E 17 5.49 1.86 -1.16
CA GLU E 17 4.97 3.18 -0.90
C GLU E 17 3.78 3.21 0.11
N ASN E 18 3.08 2.08 0.24
CA ASN E 18 2.01 1.90 1.21
C ASN E 18 2.46 2.16 2.64
N TYR E 19 3.75 1.91 2.90
CA TYR E 19 4.26 1.95 4.26
C TYR E 19 4.80 3.31 4.63
N CYS E 20 4.71 4.29 3.74
CA CYS E 20 5.09 5.63 4.09
C CYS E 20 4.00 6.27 4.95
N ASN E 21 4.39 7.18 5.81
CA ASN E 21 3.44 8.03 6.53
C ASN E 21 3.05 9.18 5.57
N HIS F 5 13.25 -8.82 -4.67
CA HIS F 5 13.86 -9.73 -3.64
C HIS F 5 14.59 -8.96 -2.49
N LEU F 6 13.81 -8.27 -1.63
CA LEU F 6 14.30 -7.29 -0.67
C LEU F 6 14.33 -7.78 0.78
N CYS F 7 15.52 -8.10 1.27
CA CYS F 7 15.70 -8.70 2.60
C CYS F 7 16.69 -7.99 3.52
N GLY F 8 16.37 -7.97 4.80
CA GLY F 8 17.26 -7.40 5.82
C GLY F 8 17.36 -5.90 5.67
N SER F 9 18.58 -5.40 5.68
CA SER F 9 18.87 -3.98 5.54
C SER F 9 18.57 -3.42 4.14
N HIS F 10 18.42 -4.30 3.16
CA HIS F 10 18.06 -3.89 1.80
C HIS F 10 16.57 -3.51 1.75
N LEU F 11 15.73 -4.12 2.57
CA LEU F 11 14.34 -3.69 2.65
C LEU F 11 14.24 -2.30 3.27
N VAL F 12 15.08 -2.03 4.28
CA VAL F 12 15.12 -0.75 4.94
C VAL F 12 15.64 0.36 4.00
N GLU F 13 16.70 0.08 3.23
CA GLU F 13 17.15 1.04 2.19
C GLU F 13 16.07 1.35 1.16
N ALA F 14 15.31 0.32 0.72
CA ALA F 14 14.23 0.50 -0.23
C ALA F 14 13.07 1.33 0.37
N LEU F 15 12.71 1.01 1.61
CA LEU F 15 11.79 1.81 2.34
C LEU F 15 12.25 3.28 2.40
N TYR F 16 13.53 3.51 2.66
CA TYR F 16 14.05 4.89 2.74
C TYR F 16 14.05 5.57 1.40
N LEU F 17 14.40 4.84 0.36
CA LEU F 17 14.36 5.35 -1.02
C LEU F 17 12.95 5.90 -1.33
N VAL F 18 11.89 5.18 -0.99
CA VAL F 18 10.51 5.57 -1.33
C VAL F 18 9.86 6.55 -0.35
N CYS F 19 10.11 6.34 0.97
CA CYS F 19 9.47 7.05 2.10
C CYS F 19 10.44 7.93 2.94
N GLY F 20 11.74 7.97 2.62
CA GLY F 20 12.71 8.74 3.36
C GLY F 20 12.32 10.19 3.66
N GLU F 21 11.63 10.83 2.72
CA GLU F 21 11.14 12.22 2.91
C GLU F 21 9.84 12.36 3.71
N ARG F 22 8.97 11.35 3.66
CA ARG F 22 7.71 11.38 4.42
C ARG F 22 7.79 10.65 5.78
N GLY F 23 8.82 9.82 6.00
CA GLY F 23 8.88 8.99 7.17
C GLY F 23 8.17 7.67 7.01
N PHE F 24 8.50 6.72 7.90
CA PHE F 24 7.85 5.41 7.88
C PHE F 24 8.10 4.66 9.17
N PHE F 25 7.31 3.59 9.34
CA PHE F 25 7.47 2.60 10.41
C PHE F 25 8.01 1.32 9.80
N TYR F 26 8.96 0.70 10.48
CA TYR F 26 9.42 -0.60 10.07
C TYR F 26 9.05 -1.50 11.20
N THR F 27 8.10 -2.41 10.95
CA THR F 27 7.51 -3.23 12.01
C THR F 27 7.58 -4.62 11.44
N PRO F 28 8.75 -5.25 11.50
CA PRO F 28 8.93 -6.55 10.85
C PRO F 28 8.12 -7.76 11.39
N LYS F 29 7.57 -7.69 12.60
CA LYS F 29 6.82 -8.82 13.21
C LYS F 29 5.31 -8.65 13.07
N GLY G 1 13.77 15.78 16.44
CA GLY G 1 13.71 14.43 15.79
C GLY G 1 15.06 13.75 15.78
N ILE G 2 15.08 12.54 15.23
CA ILE G 2 16.33 11.81 15.08
C ILE G 2 17.37 12.55 14.22
N VAL G 3 16.91 13.25 13.19
CA VAL G 3 17.80 13.93 12.28
C VAL G 3 18.53 15.06 13.00
N GLU G 4 17.80 15.78 13.82
CA GLU G 4 18.33 16.94 14.50
C GLU G 4 19.28 16.50 15.63
N GLN G 5 18.95 15.46 16.37
CA GLN G 5 19.86 14.94 17.39
C GLN G 5 21.06 14.19 16.77
N CYS G 6 20.83 13.34 15.76
CA CYS G 6 21.85 12.36 15.34
C CYS G 6 22.64 12.70 14.05
N CYS G 7 22.30 13.83 13.40
CA CYS G 7 23.08 14.35 12.29
C CYS G 7 23.97 15.59 12.65
N THR G 8 23.70 16.23 13.80
CA THR G 8 24.47 17.37 14.30
C THR G 8 25.62 16.88 15.19
N SER G 9 25.39 15.83 15.98
CA SER G 9 26.42 15.10 16.70
C SER G 9 26.21 13.56 16.63
N ILE G 10 27.23 12.80 17.01
CA ILE G 10 27.23 11.34 16.92
C ILE G 10 26.41 10.75 18.06
N CYS G 11 25.33 10.09 17.71
CA CYS G 11 24.51 9.47 18.71
C CYS G 11 25.13 8.19 19.17
N SER G 12 24.90 7.84 20.43
CA SER G 12 25.30 6.59 20.95
C SER G 12 24.20 5.63 20.62
N LEU G 13 24.48 4.38 20.90
CA LEU G 13 23.51 3.34 20.68
C LEU G 13 22.26 3.44 21.56
N TYR G 14 22.41 3.81 22.85
CA TYR G 14 21.28 4.13 23.71
C TYR G 14 20.37 5.22 23.10
N GLN G 15 20.97 6.23 22.50
CA GLN G 15 20.22 7.35 21.92
C GLN G 15 19.40 6.91 20.72
N LEU G 16 20.03 6.17 19.82
CA LEU G 16 19.35 5.59 18.65
C LEU G 16 18.20 4.68 19.10
N GLU G 17 18.39 3.99 20.21
CA GLU G 17 17.39 3.03 20.70
C GLU G 17 16.11 3.70 21.19
N ASN G 18 16.13 4.99 21.48
CA ASN G 18 14.85 5.74 21.69
C ASN G 18 13.95 5.81 20.48
N TYR G 19 14.43 5.34 19.31
CA TYR G 19 13.60 5.37 18.11
C TYR G 19 13.10 4.04 17.73
N CYS G 20 13.45 3.02 18.52
CA CYS G 20 12.86 1.73 18.39
C CYS G 20 11.37 1.80 18.80
N ASN G 21 10.57 0.91 18.20
CA ASN G 21 9.18 0.68 18.63
C ASN G 21 9.18 -0.06 19.97
N PHE H 1 17.16 19.20 3.53
CA PHE H 1 18.59 19.44 3.15
C PHE H 1 19.22 18.12 2.67
N VAL H 2 20.11 18.20 1.70
CA VAL H 2 20.74 17.02 1.11
C VAL H 2 21.56 16.25 2.11
N ASN H 3 22.45 16.94 2.80
CA ASN H 3 23.32 16.30 3.78
C ASN H 3 22.48 15.62 4.88
N GLN H 4 21.27 16.15 5.19
CA GLN H 4 20.36 15.55 6.16
C GLN H 4 19.83 14.25 5.62
N HIS H 5 19.43 14.29 4.37
CA HIS H 5 18.85 13.16 3.68
C HIS H 5 19.86 12.04 3.61
N LEU H 6 21.12 12.35 3.28
CA LEU H 6 22.20 11.34 3.32
C LEU H 6 22.43 10.76 4.70
N CYS H 7 22.43 11.61 5.72
CA CYS H 7 22.57 11.14 7.10
C CYS H 7 21.41 10.22 7.50
N GLY H 8 20.18 10.62 7.18
CA GLY H 8 19.01 9.79 7.39
C GLY H 8 19.07 8.36 6.90
N SER H 9 19.65 8.18 5.72
CA SER H 9 19.94 6.85 5.14
C SER H 9 20.90 6.07 6.02
N HIS H 10 21.91 6.73 6.56
CA HIS H 10 22.75 6.00 7.51
C HIS H 10 22.04 5.71 8.85
N LEU H 11 21.15 6.61 9.25
CA LEU H 11 20.42 6.46 10.48
C LEU H 11 19.46 5.30 10.40
N VAL H 12 18.72 5.14 9.30
CA VAL H 12 17.80 3.99 9.28
C VAL H 12 18.51 2.65 9.25
N GLU H 13 19.66 2.59 8.58
N GLU H 13 19.67 2.58 8.58
CA GLU H 13 20.46 1.38 8.58
CA GLU H 13 20.47 1.37 8.64
C GLU H 13 20.96 1.03 10.01
C GLU H 13 20.89 1.03 10.06
N ALA H 14 21.36 2.05 10.78
CA ALA H 14 21.76 1.87 12.14
C ALA H 14 20.55 1.44 13.01
N LEU H 15 19.43 2.13 12.86
CA LEU H 15 18.18 1.73 13.50
C LEU H 15 17.79 0.30 13.16
N TYR H 16 17.92 -0.11 11.91
CA TYR H 16 17.61 -1.51 11.61
C TYR H 16 18.37 -2.45 12.52
N LEU H 17 19.66 -2.22 12.72
CA LEU H 17 20.49 -3.14 13.46
C LEU H 17 20.29 -2.99 14.96
N VAL H 18 20.09 -1.76 15.41
CA VAL H 18 19.92 -1.51 16.83
C VAL H 18 18.60 -2.03 17.32
N CYS H 19 17.53 -1.88 16.54
CA CYS H 19 16.15 -2.24 16.98
C CYS H 19 15.71 -3.73 16.81
N GLY H 20 16.27 -4.42 15.80
CA GLY H 20 16.07 -5.85 15.59
C GLY H 20 14.60 -6.15 15.39
N GLU H 21 14.07 -7.11 16.16
CA GLU H 21 12.65 -7.51 16.10
C GLU H 21 11.66 -6.37 16.30
N ARG H 22 11.95 -5.46 17.21
CA ARG H 22 11.00 -4.37 17.54
C ARG H 22 10.73 -3.43 16.38
N GLY H 23 11.68 -3.32 15.43
CA GLY H 23 11.52 -2.37 14.37
C GLY H 23 11.66 -0.97 14.93
N PHE H 24 11.32 0.03 14.13
CA PHE H 24 11.56 1.43 14.53
C PHE H 24 10.67 2.31 13.71
N PHE H 25 10.72 3.58 14.04
CA PHE H 25 9.95 4.57 13.35
C PHE H 25 10.97 5.67 12.98
N TYR H 26 10.80 6.20 11.78
CA TYR H 26 11.69 7.22 11.29
C TYR H 26 10.84 8.35 10.78
N THR H 27 11.14 9.56 11.25
CA THR H 27 10.58 10.80 10.74
C THR H 27 11.70 11.77 10.41
N PRO H 28 11.67 12.36 9.22
CA PRO H 28 12.67 13.39 8.94
C PRO H 28 12.31 14.77 9.46
N LYS H 29 11.01 15.01 9.66
CA LYS H 29 10.44 16.33 10.05
C LYS H 29 10.62 17.37 8.94
N GLY I 1 45.43 9.19 10.27
CA GLY I 1 44.90 7.90 9.70
C GLY I 1 44.09 8.09 8.43
N ILE I 2 43.30 7.07 8.11
CA ILE I 2 42.45 7.05 6.90
C ILE I 2 41.41 8.16 6.88
N VAL I 3 40.84 8.51 8.05
CA VAL I 3 39.85 9.60 8.11
C VAL I 3 40.49 10.92 7.62
N GLU I 4 41.62 11.29 8.22
CA GLU I 4 42.39 12.51 7.80
C GLU I 4 42.78 12.54 6.29
N GLN I 5 43.31 11.42 5.81
CA GLN I 5 43.72 11.24 4.39
C GLN I 5 42.53 11.23 3.41
N CYS I 6 41.51 10.45 3.75
CA CYS I 6 40.49 10.01 2.77
C CYS I 6 39.08 10.60 2.92
N CYS I 7 38.86 11.41 3.96
CA CYS I 7 37.62 12.16 4.09
C CYS I 7 37.73 13.65 3.69
N THR I 8 38.95 14.15 3.42
CA THR I 8 39.15 15.52 2.88
C THR I 8 39.49 15.52 1.38
N SER I 9 40.08 14.43 0.87
CA SER I 9 40.37 14.24 -0.56
C SER I 9 39.93 12.83 -0.97
N ILE I 10 39.61 12.61 -2.26
CA ILE I 10 39.22 11.30 -2.75
C ILE I 10 40.53 10.52 -2.74
N CYS I 11 40.60 9.48 -1.92
CA CYS I 11 41.70 8.51 -2.00
C CYS I 11 41.53 7.53 -3.20
N SER I 12 42.63 7.21 -3.86
CA SER I 12 42.66 6.21 -4.89
C SER I 12 42.63 4.82 -4.23
N LEU I 13 42.37 3.80 -5.02
CA LEU I 13 42.40 2.45 -4.47
C LEU I 13 43.75 2.07 -3.84
N TYR I 14 44.85 2.65 -4.35
CA TYR I 14 46.18 2.33 -3.83
C TYR I 14 46.34 2.95 -2.46
N GLN I 15 45.82 4.18 -2.26
CA GLN I 15 45.82 4.77 -0.91
C GLN I 15 45.01 3.99 0.15
N LEU I 16 43.80 3.54 -0.22
CA LEU I 16 42.99 2.69 0.64
C LEU I 16 43.72 1.41 1.01
N GLU I 17 44.45 0.82 0.04
CA GLU I 17 45.04 -0.47 0.24
C GLU I 17 46.15 -0.37 1.31
N ASN I 18 46.63 0.83 1.62
CA ASN I 18 47.54 0.97 2.73
C ASN I 18 46.93 0.62 4.04
N TYR I 19 45.61 0.56 4.12
CA TYR I 19 44.96 0.22 5.36
C TYR I 19 44.61 -1.27 5.43
N CYS I 20 44.89 -2.05 4.40
CA CYS I 20 44.79 -3.50 4.51
C CYS I 20 45.80 -4.10 5.48
N ASN I 21 45.46 -5.28 6.01
CA ASN I 21 46.33 -6.00 6.94
C ASN I 21 47.41 -6.75 6.13
N PHE J 1 26.89 17.73 10.20
CA PHE J 1 28.20 17.86 10.94
C PHE J 1 28.82 16.57 11.44
N VAL J 2 28.10 15.44 11.39
CA VAL J 2 28.71 14.11 11.61
C VAL J 2 29.47 13.57 10.37
N ASN J 3 29.93 14.50 9.52
CA ASN J 3 30.50 14.28 8.21
C ASN J 3 31.53 13.15 8.15
N GLN J 4 32.43 13.14 9.10
CA GLN J 4 33.48 12.17 9.06
C GLN J 4 33.03 10.82 9.60
N HIS J 5 32.03 10.82 10.47
CA HIS J 5 31.50 9.58 10.97
C HIS J 5 30.79 8.82 9.81
N LEU J 6 30.13 9.59 8.94
CA LEU J 6 29.51 9.08 7.75
C LEU J 6 30.56 8.64 6.76
N CYS J 7 31.64 9.37 6.66
CA CYS J 7 32.70 9.02 5.72
C CYS J 7 33.39 7.70 6.13
N GLY J 8 33.61 7.52 7.42
CA GLY J 8 34.07 6.26 7.96
C GLY J 8 33.31 5.03 7.53
N SER J 9 31.99 5.14 7.60
CA SER J 9 31.08 4.11 7.16
C SER J 9 31.34 3.69 5.68
N HIS J 10 31.50 4.68 4.81
CA HIS J 10 31.87 4.40 3.42
C HIS J 10 33.30 3.90 3.25
N LEU J 11 34.23 4.45 4.01
CA LEU J 11 35.63 3.94 4.02
C LEU J 11 35.74 2.48 4.35
N VAL J 12 35.08 2.01 5.41
CA VAL J 12 35.19 0.57 5.80
C VAL J 12 34.55 -0.39 4.81
N GLU J 13 33.43 0.03 4.19
CA GLU J 13 32.85 -0.76 3.11
C GLU J 13 33.81 -0.80 1.93
N ALA J 14 34.43 0.32 1.58
CA ALA J 14 35.46 0.29 0.53
C ALA J 14 36.68 -0.61 0.93
N LEU J 15 37.13 -0.55 2.16
CA LEU J 15 38.23 -1.40 2.64
C LEU J 15 37.83 -2.83 2.63
N TYR J 16 36.59 -3.15 2.93
CA TYR J 16 36.14 -4.54 2.83
C TYR J 16 36.39 -5.16 1.44
N LEU J 17 36.04 -4.45 0.38
CA LEU J 17 36.17 -5.00 -0.98
C LEU J 17 37.64 -4.93 -1.45
N VAL J 18 38.31 -3.83 -1.20
CA VAL J 18 39.69 -3.65 -1.61
C VAL J 18 40.65 -4.69 -0.98
N CYS J 19 40.43 -4.99 0.29
CA CYS J 19 41.33 -5.81 1.07
C CYS J 19 41.04 -7.30 1.00
N GLY J 20 39.78 -7.66 0.78
CA GLY J 20 39.45 -9.05 0.53
C GLY J 20 39.82 -9.91 1.72
N GLU J 21 40.51 -11.03 1.44
CA GLU J 21 40.95 -11.98 2.47
C GLU J 21 41.99 -11.43 3.50
N ARG J 22 42.77 -10.42 3.13
N ARG J 22 42.79 -10.42 3.12
CA ARG J 22 43.70 -9.79 4.05
CA ARG J 22 43.69 -9.74 4.05
C ARG J 22 43.02 -9.06 5.21
C ARG J 22 42.98 -9.12 5.24
N GLY J 23 41.81 -8.54 4.99
CA GLY J 23 41.11 -7.77 6.01
C GLY J 23 41.79 -6.45 6.19
N PHE J 24 41.37 -5.67 7.16
CA PHE J 24 41.84 -4.31 7.29
C PHE J 24 41.78 -3.87 8.74
N PHE J 25 42.29 -2.67 8.97
CA PHE J 25 42.26 -2.08 10.29
C PHE J 25 41.68 -0.70 10.04
N TYR J 26 40.76 -0.29 10.92
CA TYR J 26 40.16 1.00 10.90
C TYR J 26 40.36 1.66 12.27
N THR J 27 40.79 2.92 12.21
CA THR J 27 41.12 3.76 13.35
C THR J 27 40.64 5.16 13.05
N PRO J 28 39.59 5.61 13.73
CA PRO J 28 38.97 6.88 13.40
C PRO J 28 39.74 8.14 13.79
N LYS J 29 40.77 8.03 14.61
CA LYS J 29 41.55 9.23 14.95
C LYS J 29 40.80 10.15 15.90
N GLY K 1 36.52 -17.07 12.63
CA GLY K 1 36.50 -16.42 13.99
C GLY K 1 35.30 -15.51 14.12
N ILE K 2 35.46 -14.24 13.71
CA ILE K 2 34.33 -13.32 13.67
C ILE K 2 33.21 -13.74 12.72
N VAL K 3 33.56 -14.19 11.51
CA VAL K 3 32.57 -14.57 10.51
C VAL K 3 31.85 -15.90 10.90
N GLU K 4 32.62 -16.91 11.34
CA GLU K 4 32.04 -18.16 11.87
C GLU K 4 31.04 -17.93 13.03
N GLN K 5 31.35 -17.00 13.93
CA GLN K 5 30.42 -16.62 15.01
C GLN K 5 29.19 -15.85 14.51
N CYS K 6 29.31 -15.08 13.42
CA CYS K 6 28.30 -14.09 13.01
C CYS K 6 27.59 -14.32 11.67
N CYS K 7 28.21 -15.04 10.74
CA CYS K 7 27.61 -15.30 9.44
C CYS K 7 27.12 -16.73 9.36
N THR K 8 27.96 -17.69 9.76
CA THR K 8 27.54 -19.10 9.89
C THR K 8 26.64 -19.26 11.10
N SER K 9 27.09 -18.82 12.27
CA SER K 9 26.24 -18.78 13.46
C SER K 9 25.40 -17.49 13.49
N ILE K 10 24.74 -17.21 14.62
CA ILE K 10 24.09 -15.91 14.85
C ILE K 10 24.86 -15.20 15.95
N CYS K 11 25.01 -13.89 15.81
CA CYS K 11 25.70 -13.10 16.81
C CYS K 11 25.02 -11.73 16.94
N SER K 12 25.14 -11.13 18.12
CA SER K 12 24.47 -9.89 18.49
C SER K 12 25.45 -8.74 18.50
N LEU K 13 24.92 -7.52 18.43
CA LEU K 13 25.74 -6.32 18.48
C LEU K 13 26.57 -6.23 19.74
N TYR K 14 25.94 -6.61 20.84
CA TYR K 14 26.60 -6.79 22.14
C TYR K 14 27.78 -7.74 22.05
N GLN K 15 27.61 -8.88 21.39
CA GLN K 15 28.74 -9.80 21.10
C GLN K 15 29.84 -9.09 20.28
N LEU K 16 29.44 -8.39 19.19
CA LEU K 16 30.40 -7.72 18.27
C LEU K 16 31.34 -6.72 18.91
N GLU K 17 30.89 -6.09 19.98
CA GLU K 17 31.74 -5.23 20.79
C GLU K 17 33.01 -5.93 21.40
N ASN K 18 33.05 -7.26 21.38
CA ASN K 18 34.28 -8.07 21.59
C ASN K 18 35.39 -7.61 20.64
N TYR K 19 35.02 -7.18 19.42
CA TYR K 19 35.98 -6.85 18.37
C TYR K 19 36.42 -5.40 18.30
N CYS K 20 35.90 -4.51 19.12
CA CYS K 20 36.41 -3.13 19.11
C CYS K 20 37.77 -3.12 19.76
N ASN K 21 38.57 -2.11 19.42
CA ASN K 21 39.91 -1.95 19.99
C ASN K 21 39.82 -1.55 21.46
N HIS L 5 21.76 -13.48 10.72
CA HIS L 5 23.04 -13.74 9.98
C HIS L 5 23.60 -12.43 9.38
N LEU L 6 24.76 -12.01 9.88
CA LEU L 6 25.53 -10.88 9.38
C LEU L 6 26.68 -11.43 8.55
N CYS L 7 26.56 -11.32 7.24
CA CYS L 7 27.55 -11.86 6.32
C CYS L 7 28.13 -10.79 5.41
N GLY L 8 29.40 -10.91 5.07
CA GLY L 8 30.02 -10.06 4.06
C GLY L 8 30.11 -8.61 4.53
N SER L 9 29.66 -7.69 3.68
CA SER L 9 29.73 -6.27 3.97
C SER L 9 28.80 -5.86 5.09
N HIS L 10 27.75 -6.64 5.35
CA HIS L 10 26.81 -6.39 6.44
C HIS L 10 27.50 -6.61 7.80
N LEU L 11 28.46 -7.54 7.84
CA LEU L 11 29.26 -7.76 9.02
C LEU L 11 30.13 -6.52 9.28
N VAL L 12 30.73 -5.91 8.24
CA VAL L 12 31.56 -4.74 8.53
C VAL L 12 30.70 -3.52 8.90
N GLU L 13 29.51 -3.35 8.31
CA GLU L 13 28.58 -2.28 8.78
C GLU L 13 28.19 -2.47 10.21
N ALA L 14 27.99 -3.73 10.67
CA ALA L 14 27.60 -3.95 12.07
C ALA L 14 28.80 -3.69 12.97
N LEU L 15 29.97 -4.18 12.58
CA LEU L 15 31.18 -3.77 13.25
C LEU L 15 31.33 -2.25 13.33
N TYR L 16 31.03 -1.56 12.25
CA TYR L 16 31.23 -0.10 12.26
C TYR L 16 30.20 0.56 13.19
N LEU L 17 28.97 0.08 13.22
CA LEU L 17 27.95 0.64 14.11
C LEU L 17 28.38 0.53 15.60
N VAL L 18 28.96 -0.60 15.99
CA VAL L 18 29.39 -0.78 17.41
C VAL L 18 30.80 -0.20 17.71
N CYS L 19 31.76 -0.38 16.82
CA CYS L 19 33.19 -0.07 17.07
C CYS L 19 33.72 1.09 16.29
N GLY L 20 32.85 1.74 15.51
CA GLY L 20 33.30 2.78 14.59
C GLY L 20 33.90 4.03 15.23
N GLU L 21 33.56 4.33 16.47
CA GLU L 21 34.18 5.47 17.19
C GLU L 21 35.46 5.05 17.92
N ARG L 22 35.64 3.75 18.13
CA ARG L 22 36.79 3.20 18.84
C ARG L 22 37.85 2.55 17.94
N GLY L 23 37.50 2.24 16.69
CA GLY L 23 38.38 1.48 15.83
C GLY L 23 38.09 0.01 15.91
N PHE L 24 38.45 -0.72 14.87
CA PHE L 24 38.43 -2.17 14.92
C PHE L 24 39.30 -2.73 13.83
N PHE L 25 39.56 -4.03 13.92
CA PHE L 25 40.35 -4.82 13.00
C PHE L 25 39.37 -5.80 12.40
N TYR L 26 39.36 -5.95 11.08
CA TYR L 26 38.51 -6.92 10.45
C TYR L 26 39.47 -7.90 9.85
N THR L 27 39.51 -9.12 10.42
CA THR L 27 40.45 -10.17 10.06
C THR L 27 39.58 -11.38 9.78
N PRO L 28 39.14 -11.54 8.52
CA PRO L 28 38.13 -12.53 8.18
C PRO L 28 38.53 -13.98 8.48
N LYS L 29 39.78 -14.34 8.20
CA LYS L 29 40.31 -15.66 8.59
C LYS L 29 40.49 -15.76 10.12
N THR L 30 40.59 -16.98 10.63
CA THR L 30 40.88 -17.19 12.07
C THR L 30 41.24 -18.63 12.40
N GLY M 1 28.02 -9.70 -19.75
CA GLY M 1 27.27 -10.29 -18.62
C GLY M 1 28.02 -10.08 -17.32
N ILE M 2 27.84 -8.90 -16.72
CA ILE M 2 28.50 -8.56 -15.44
C ILE M 2 27.93 -9.42 -14.31
N VAL M 3 26.61 -9.63 -14.31
CA VAL M 3 25.96 -10.58 -13.40
C VAL M 3 26.59 -11.97 -13.54
N GLU M 4 26.77 -12.42 -14.77
CA GLU M 4 27.37 -13.74 -15.02
C GLU M 4 28.78 -13.76 -14.42
N GLN M 5 29.62 -12.84 -14.86
CA GLN M 5 31.02 -12.78 -14.40
C GLN M 5 31.24 -12.54 -12.88
N CYS M 6 30.32 -11.83 -12.20
CA CYS M 6 30.54 -11.38 -10.81
C CYS M 6 29.57 -11.88 -9.76
N CYS M 7 28.33 -12.12 -10.14
CA CYS M 7 27.39 -12.75 -9.21
C CYS M 7 27.44 -14.27 -9.30
N THR M 8 27.24 -14.82 -10.50
CA THR M 8 27.27 -16.29 -10.71
C THR M 8 28.68 -16.88 -10.54
N SER M 9 29.63 -16.48 -11.38
CA SER M 9 31.05 -16.74 -11.12
C SER M 9 31.57 -15.76 -10.06
N ILE M 10 32.86 -15.85 -9.74
CA ILE M 10 33.53 -14.84 -8.93
C ILE M 10 34.25 -13.87 -9.87
N CYS M 11 34.50 -12.64 -9.41
CA CYS M 11 35.34 -11.68 -10.18
C CYS M 11 36.20 -10.85 -9.23
N SER M 12 37.10 -10.05 -9.79
CA SER M 12 38.01 -9.25 -9.01
C SER M 12 37.71 -7.78 -9.30
N LEU M 13 38.14 -6.90 -8.43
CA LEU M 13 38.02 -5.47 -8.74
C LEU M 13 38.78 -5.10 -10.04
N TYR M 14 39.89 -5.79 -10.28
CA TYR M 14 40.72 -5.52 -11.46
C TYR M 14 39.88 -5.86 -12.71
N GLN M 15 39.10 -6.92 -12.63
CA GLN M 15 38.16 -7.27 -13.70
C GLN M 15 37.01 -6.28 -13.83
N LEU M 16 36.48 -5.82 -12.70
CA LEU M 16 35.40 -4.81 -12.76
C LEU M 16 35.81 -3.58 -13.57
N GLU M 17 37.10 -3.21 -13.50
CA GLU M 17 37.61 -2.04 -14.21
C GLU M 17 37.29 -2.03 -15.73
N ASN M 18 37.10 -3.22 -16.32
CA ASN M 18 36.61 -3.36 -17.70
C ASN M 18 35.27 -2.69 -18.00
N TYR M 19 34.45 -2.50 -16.95
CA TYR M 19 33.14 -1.86 -17.08
C TYR M 19 33.15 -0.35 -16.84
N CYS M 20 34.28 0.25 -16.48
CA CYS M 20 34.29 1.71 -16.39
C CYS M 20 34.26 2.28 -17.81
N ASN M 21 34.09 3.61 -17.88
CA ASN M 21 34.22 4.38 -19.12
C ASN M 21 35.60 5.04 -19.21
N HIS N 5 29.33 -14.15 -5.15
CA HIS N 5 30.22 -13.16 -4.44
C HIS N 5 29.50 -11.80 -4.53
N LEU N 6 29.64 -11.06 -5.65
CA LEU N 6 29.01 -9.72 -5.80
C LEU N 6 27.68 -9.77 -6.52
N CYS N 7 26.58 -9.78 -5.76
CA CYS N 7 25.26 -9.85 -6.33
C CYS N 7 24.40 -8.65 -5.94
N GLY N 8 23.51 -8.25 -6.86
CA GLY N 8 22.52 -7.20 -6.60
C GLY N 8 23.17 -5.84 -6.32
N SER N 9 22.75 -5.24 -5.22
CA SER N 9 23.25 -3.98 -4.72
C SER N 9 24.74 -3.97 -4.39
N HIS N 10 25.29 -5.12 -4.05
CA HIS N 10 26.73 -5.20 -3.76
C HIS N 10 27.60 -5.06 -5.03
N LEU N 11 27.09 -5.42 -6.20
CA LEU N 11 27.82 -5.34 -7.46
C LEU N 11 27.87 -3.89 -7.88
N VAL N 12 26.74 -3.19 -7.75
CA VAL N 12 26.73 -1.74 -7.94
C VAL N 12 27.75 -1.01 -7.05
N GLU N 13 27.79 -1.30 -5.75
CA GLU N 13 28.83 -0.71 -4.88
C GLU N 13 30.30 -1.08 -5.29
N ALA N 14 30.60 -2.33 -5.67
CA ALA N 14 31.92 -2.63 -6.23
C ALA N 14 32.21 -1.81 -7.52
N LEU N 15 31.24 -1.74 -8.43
CA LEU N 15 31.34 -0.90 -9.59
C LEU N 15 31.69 0.51 -9.18
N TYR N 16 30.98 1.07 -8.20
CA TYR N 16 31.21 2.46 -7.81
C TYR N 16 32.60 2.63 -7.22
N LEU N 17 33.04 1.65 -6.45
CA LEU N 17 34.39 1.66 -5.84
C LEU N 17 35.49 1.77 -6.92
N VAL N 18 35.40 0.93 -7.96
CA VAL N 18 36.39 0.93 -9.09
C VAL N 18 36.18 2.06 -10.16
N CYS N 19 34.92 2.34 -10.52
CA CYS N 19 34.55 3.26 -11.63
C CYS N 19 33.83 4.58 -11.20
N GLY N 20 33.74 4.86 -9.91
CA GLY N 20 32.93 5.98 -9.46
C GLY N 20 33.39 7.34 -9.91
N GLU N 21 34.70 7.50 -10.11
CA GLU N 21 35.28 8.80 -10.49
C GLU N 21 35.25 8.99 -12.01
N ARG N 22 35.08 7.89 -12.76
CA ARG N 22 35.04 7.91 -14.24
C ARG N 22 33.66 7.67 -14.82
N GLY N 23 32.77 7.09 -14.05
CA GLY N 23 31.47 6.64 -14.56
C GLY N 23 31.39 5.22 -15.10
N PHE N 24 30.16 4.71 -15.18
CA PHE N 24 29.92 3.37 -15.71
C PHE N 24 28.48 3.21 -16.09
N PHE N 25 28.23 2.18 -16.90
CA PHE N 25 26.91 1.65 -17.23
C PHE N 25 26.76 0.35 -16.47
N TYR N 26 25.52 0.12 -16.02
CA TYR N 26 25.12 -1.13 -15.40
C TYR N 26 23.94 -1.55 -16.20
N THR N 27 24.06 -2.70 -16.86
CA THR N 27 23.03 -3.28 -17.72
C THR N 27 22.98 -4.74 -17.30
N PRO N 28 22.05 -5.11 -16.40
CA PRO N 28 21.98 -6.49 -15.91
C PRO N 28 21.66 -7.56 -16.96
N LYS N 29 20.62 -7.38 -17.78
CA LYS N 29 20.25 -8.43 -18.77
C LYS N 29 21.04 -8.28 -20.06
N GLY O 1 24.77 16.91 -15.11
CA GLY O 1 24.54 15.46 -14.87
C GLY O 1 23.91 15.24 -13.52
N ILE O 2 23.92 13.98 -13.08
CA ILE O 2 23.14 13.54 -11.92
C ILE O 2 23.71 14.06 -10.65
N VAL O 3 25.04 14.09 -10.56
CA VAL O 3 25.73 14.64 -9.39
C VAL O 3 25.33 16.11 -9.21
N GLU O 4 25.31 16.86 -10.30
CA GLU O 4 25.01 18.30 -10.23
C GLU O 4 23.51 18.58 -9.96
N GLN O 5 22.62 17.67 -10.40
CA GLN O 5 21.19 17.80 -10.10
C GLN O 5 20.80 17.23 -8.74
N CYS O 6 21.42 16.10 -8.33
CA CYS O 6 20.90 15.27 -7.22
C CYS O 6 21.75 15.21 -5.92
N CYS O 7 22.91 15.83 -5.95
CA CYS O 7 23.68 16.09 -4.74
C CYS O 7 23.57 17.55 -4.27
N THR O 8 22.86 18.40 -5.04
CA THR O 8 22.62 19.81 -4.66
C THR O 8 21.19 20.06 -4.12
N SER O 9 20.21 19.28 -4.60
CA SER O 9 18.84 19.25 -4.07
C SER O 9 18.41 17.75 -3.92
N ILE O 10 17.38 17.47 -3.11
CA ILE O 10 16.83 16.11 -3.01
C ILE O 10 15.97 15.84 -4.26
N CYS O 11 16.48 15.00 -5.14
CA CYS O 11 15.74 14.56 -6.34
C CYS O 11 14.58 13.67 -5.97
N SER O 12 13.50 13.79 -6.74
CA SER O 12 12.40 12.87 -6.64
C SER O 12 12.74 11.62 -7.40
N LEU O 13 11.91 10.61 -7.19
CA LEU O 13 12.08 9.37 -7.87
C LEU O 13 11.97 9.51 -9.39
N TYR O 14 11.07 10.38 -9.83
CA TYR O 14 10.90 10.68 -11.25
C TYR O 14 12.24 11.22 -11.81
N GLN O 15 12.83 12.17 -11.10
CA GLN O 15 14.12 12.72 -11.48
C GLN O 15 15.28 11.70 -11.58
N LEU O 16 15.42 10.81 -10.60
CA LEU O 16 16.37 9.70 -10.69
C LEU O 16 16.11 8.78 -11.89
N GLU O 17 14.83 8.52 -12.20
CA GLU O 17 14.46 7.62 -13.30
C GLU O 17 14.90 8.16 -14.71
N ASN O 18 15.21 9.44 -14.80
CA ASN O 18 15.84 9.97 -15.99
C ASN O 18 17.19 9.36 -16.30
N TYR O 19 17.83 8.70 -15.30
CA TYR O 19 19.15 8.08 -15.52
C TYR O 19 19.10 6.60 -15.73
N CYS O 20 17.90 6.02 -15.86
CA CYS O 20 17.81 4.60 -16.22
C CYS O 20 18.11 4.45 -17.71
N ASN O 21 18.54 3.28 -18.17
CA ASN O 21 18.63 3.00 -19.62
C ASN O 21 17.20 2.77 -20.11
N PHE P 1 35.17 17.84 -2.10
CA PHE P 1 34.98 16.86 -3.22
C PHE P 1 34.56 15.47 -2.72
N VAL P 2 34.89 15.17 -1.45
CA VAL P 2 34.56 13.88 -0.86
C VAL P 2 33.05 13.74 -0.60
N ASN P 3 32.40 14.82 -0.17
CA ASN P 3 30.96 14.79 0.04
C ASN P 3 30.18 14.55 -1.28
N GLN P 4 30.71 15.01 -2.43
CA GLN P 4 30.13 14.70 -3.76
C GLN P 4 30.28 13.21 -4.06
N HIS P 5 31.47 12.71 -3.78
CA HIS P 5 31.77 11.32 -4.03
C HIS P 5 30.94 10.37 -3.08
N LEU P 6 30.73 10.77 -1.85
CA LEU P 6 29.89 10.02 -0.90
C LEU P 6 28.44 10.02 -1.38
N CYS P 7 28.00 11.16 -1.92
CA CYS P 7 26.64 11.31 -2.47
C CYS P 7 26.46 10.38 -3.66
N GLY P 8 27.44 10.36 -4.58
CA GLY P 8 27.41 9.44 -5.76
C GLY P 8 27.13 7.98 -5.42
N SER P 9 27.74 7.51 -4.36
CA SER P 9 27.50 6.17 -3.78
C SER P 9 26.04 5.94 -3.38
N HIS P 10 25.43 6.93 -2.74
CA HIS P 10 23.98 6.85 -2.51
C HIS P 10 23.16 6.93 -3.80
N LEU P 11 23.57 7.79 -4.71
CA LEU P 11 22.85 7.88 -6.00
C LEU P 11 22.83 6.55 -6.80
N VAL P 12 23.96 5.84 -6.89
CA VAL P 12 23.98 4.62 -7.67
C VAL P 12 23.20 3.47 -7.02
N GLU P 13 23.21 3.33 -5.68
N GLU P 13 23.23 3.36 -5.67
CA GLU P 13 22.33 2.32 -5.10
CA GLU P 13 22.35 2.43 -4.98
C GLU P 13 20.84 2.68 -5.17
C GLU P 13 20.88 2.70 -5.28
N ALA P 14 20.50 3.97 -5.28
CA ALA P 14 19.13 4.34 -5.53
C ALA P 14 18.73 4.05 -6.97
N LEU P 15 19.63 4.35 -7.92
CA LEU P 15 19.40 4.00 -9.35
C LEU P 15 19.27 2.49 -9.54
N TYR P 16 20.06 1.71 -8.81
CA TYR P 16 19.92 0.23 -8.88
C TYR P 16 18.46 -0.21 -8.56
N LEU P 17 17.86 0.31 -7.48
CA LEU P 17 16.47 -0.03 -7.16
C LEU P 17 15.40 0.55 -8.10
N VAL P 18 15.56 1.81 -8.46
CA VAL P 18 14.62 2.55 -9.25
C VAL P 18 14.52 1.97 -10.66
N CYS P 19 15.67 1.77 -11.27
CA CYS P 19 15.79 1.30 -12.65
C CYS P 19 15.55 -0.20 -12.88
N GLY P 20 15.82 -1.05 -11.90
CA GLY P 20 15.57 -2.51 -12.05
C GLY P 20 16.29 -3.14 -13.24
N GLU P 21 15.58 -4.01 -13.99
CA GLU P 21 16.11 -4.66 -15.22
C GLU P 21 16.64 -3.72 -16.29
N ARG P 22 16.08 -2.52 -16.40
CA ARG P 22 16.62 -1.55 -17.38
C ARG P 22 18.09 -1.20 -17.15
N GLY P 23 18.52 -1.21 -15.88
CA GLY P 23 19.84 -0.76 -15.51
C GLY P 23 19.95 0.72 -15.67
N PHE P 24 21.18 1.24 -15.61
CA PHE P 24 21.35 2.70 -15.60
C PHE P 24 22.74 3.09 -15.99
N PHE P 25 22.91 4.40 -16.13
CA PHE P 25 24.20 4.95 -16.46
C PHE P 25 24.55 5.96 -15.37
N TYR P 26 25.80 5.97 -14.97
CA TYR P 26 26.27 6.83 -13.92
C TYR P 26 27.51 7.50 -14.45
N THR P 27 27.47 8.83 -14.53
CA THR P 27 28.62 9.58 -14.95
C THR P 27 28.70 10.79 -14.07
N PRO P 28 29.77 10.93 -13.29
CA PRO P 28 29.92 12.04 -12.38
C PRO P 28 30.42 13.29 -13.13
N LYS P 29 30.82 14.37 -12.44
CA LYS P 29 30.88 14.48 -10.99
C LYS P 29 31.17 15.92 -10.64
N THR P 30 30.14 16.76 -10.82
CA THR P 30 30.22 18.20 -10.61
C THR P 30 29.27 18.95 -11.54
N GLY Q 1 -16.23 -14.21 -33.26
CA GLY Q 1 -15.53 -12.88 -33.26
C GLY Q 1 -14.85 -12.59 -31.93
N ILE Q 2 -14.93 -11.35 -31.47
CA ILE Q 2 -14.38 -11.00 -30.15
C ILE Q 2 -15.02 -11.82 -29.04
N VAL Q 3 -16.32 -12.07 -29.20
CA VAL Q 3 -17.15 -12.73 -28.19
C VAL Q 3 -16.76 -14.20 -28.06
N GLU Q 4 -16.86 -14.94 -29.15
CA GLU Q 4 -16.28 -16.30 -29.23
C GLU Q 4 -14.87 -16.37 -28.62
N GLN Q 5 -13.99 -15.43 -28.98
CA GLN Q 5 -12.62 -15.46 -28.45
C GLN Q 5 -12.52 -15.12 -26.95
N CYS Q 6 -13.13 -14.02 -26.54
CA CYS Q 6 -12.82 -13.49 -25.21
C CYS Q 6 -13.85 -13.77 -24.11
N CYS Q 7 -14.97 -14.43 -24.47
CA CYS Q 7 -15.89 -14.96 -23.45
C CYS Q 7 -15.70 -16.45 -23.16
N THR Q 8 -14.93 -17.17 -23.98
CA THR Q 8 -14.60 -18.57 -23.69
C THR Q 8 -13.33 -18.72 -22.83
N SER Q 9 -12.29 -17.95 -23.19
CA SER Q 9 -11.01 -17.88 -22.48
C SER Q 9 -10.66 -16.42 -22.19
N ILE Q 10 -9.83 -16.19 -21.19
CA ILE Q 10 -9.48 -14.83 -20.83
C ILE Q 10 -8.50 -14.27 -21.89
N CYS Q 11 -8.93 -13.27 -22.66
CA CYS Q 11 -8.04 -12.58 -23.58
C CYS Q 11 -7.01 -11.73 -22.85
N SER Q 12 -5.83 -11.61 -23.49
CA SER Q 12 -4.73 -10.86 -22.94
C SER Q 12 -4.93 -9.51 -23.53
N LEU Q 13 -4.19 -8.55 -23.04
CA LEU Q 13 -4.28 -7.22 -23.65
C LEU Q 13 -3.78 -7.17 -25.09
N TYR Q 14 -2.84 -8.03 -25.45
CA TYR Q 14 -2.37 -8.11 -26.83
C TYR Q 14 -3.51 -8.54 -27.75
N GLN Q 15 -4.29 -9.51 -27.30
CA GLN Q 15 -5.38 -10.08 -28.06
C GLN Q 15 -6.50 -9.08 -28.18
N LEU Q 16 -6.86 -8.43 -27.06
CA LEU Q 16 -7.89 -7.39 -27.09
C LEU Q 16 -7.49 -6.28 -28.02
N GLU Q 17 -6.19 -5.96 -28.10
CA GLU Q 17 -5.76 -4.85 -28.99
C GLU Q 17 -6.01 -5.13 -30.50
N ASN Q 18 -6.23 -6.39 -30.88
CA ASN Q 18 -6.66 -6.71 -32.26
C ASN Q 18 -7.93 -6.05 -32.68
N TYR Q 19 -8.79 -5.76 -31.71
CA TYR Q 19 -10.09 -5.22 -32.01
C TYR Q 19 -10.15 -3.70 -32.07
N CYS Q 20 -9.01 -3.05 -31.84
CA CYS Q 20 -8.93 -1.59 -31.94
C CYS Q 20 -8.93 -1.22 -33.41
N ASN Q 21 -9.27 0.05 -33.70
CA ASN Q 21 -9.06 0.61 -35.06
C ASN Q 21 -7.56 0.77 -35.33
N PHE R 1 -27.68 -15.09 -26.23
CA PHE R 1 -27.24 -15.77 -24.98
C PHE R 1 -26.91 -14.69 -23.92
N VAL R 2 -27.51 -14.82 -22.75
CA VAL R 2 -27.42 -13.78 -21.71
C VAL R 2 -25.96 -13.61 -21.32
N ASN R 3 -25.31 -14.76 -21.03
CA ASN R 3 -23.97 -14.76 -20.57
C ASN R 3 -23.06 -14.03 -21.53
N GLN R 4 -23.22 -14.21 -22.82
CA GLN R 4 -22.30 -13.56 -23.74
C GLN R 4 -22.61 -12.07 -23.84
N HIS R 5 -23.88 -11.73 -23.63
CA HIS R 5 -24.30 -10.33 -23.66
C HIS R 5 -23.70 -9.51 -22.50
N LEU R 6 -23.73 -10.11 -21.33
CA LEU R 6 -23.03 -9.64 -20.14
C LEU R 6 -21.51 -9.59 -20.32
N CYS R 7 -20.87 -10.67 -20.76
CA CYS R 7 -19.47 -10.62 -21.18
C CYS R 7 -19.14 -9.46 -22.12
N GLY R 8 -19.92 -9.33 -23.18
CA GLY R 8 -19.74 -8.22 -24.15
C GLY R 8 -19.66 -6.80 -23.55
N SER R 9 -20.48 -6.60 -22.52
CA SER R 9 -20.51 -5.39 -21.73
C SER R 9 -19.18 -5.19 -20.99
N HIS R 10 -18.54 -6.27 -20.52
CA HIS R 10 -17.15 -6.11 -20.05
C HIS R 10 -16.14 -5.90 -21.19
N LEU R 11 -16.30 -6.59 -22.29
CA LEU R 11 -15.39 -6.45 -23.42
C LEU R 11 -15.33 -5.02 -23.94
N VAL R 12 -16.46 -4.32 -23.98
CA VAL R 12 -16.44 -2.96 -24.52
C VAL R 12 -15.78 -1.94 -23.55
N GLU R 13 -15.99 -2.10 -22.24
CA GLU R 13 -15.26 -1.29 -21.28
C GLU R 13 -13.73 -1.51 -21.39
N ALA R 14 -13.28 -2.76 -21.58
CA ALA R 14 -11.86 -3.07 -21.81
C ALA R 14 -11.28 -2.51 -23.11
N LEU R 15 -12.04 -2.57 -24.20
CA LEU R 15 -11.61 -1.98 -25.46
C LEU R 15 -11.50 -0.45 -25.35
N TYR R 16 -12.40 0.19 -24.58
CA TYR R 16 -12.36 1.60 -24.33
C TYR R 16 -11.01 1.99 -23.74
N LEU R 17 -10.59 1.32 -22.67
CA LEU R 17 -9.29 1.56 -22.05
C LEU R 17 -8.12 1.08 -22.95
N VAL R 18 -8.23 -0.08 -23.57
CA VAL R 18 -7.12 -0.63 -24.37
C VAL R 18 -6.77 0.20 -25.62
N CYS R 19 -7.79 0.60 -26.36
CA CYS R 19 -7.62 1.29 -27.63
C CYS R 19 -7.34 2.79 -27.49
N GLY R 20 -7.75 3.42 -26.39
CA GLY R 20 -7.52 4.86 -26.20
C GLY R 20 -8.16 5.74 -27.28
N GLU R 21 -7.33 6.58 -27.93
CA GLU R 21 -7.81 7.48 -29.01
C GLU R 21 -8.19 6.75 -30.30
N ARG R 22 -7.57 5.62 -30.56
CA ARG R 22 -7.86 4.85 -31.76
C ARG R 22 -9.32 4.42 -31.83
N GLY R 23 -9.97 4.22 -30.69
CA GLY R 23 -11.35 3.76 -30.71
C GLY R 23 -11.40 2.31 -31.17
N PHE R 24 -12.59 1.81 -31.44
CA PHE R 24 -12.74 0.39 -31.73
C PHE R 24 -14.05 0.18 -32.38
N PHE R 25 -14.23 -1.01 -32.96
CA PHE R 25 -15.46 -1.42 -33.59
C PHE R 25 -15.91 -2.67 -32.87
N TYR R 26 -17.08 -2.60 -32.25
CA TYR R 26 -17.63 -3.73 -31.56
C TYR R 26 -18.67 -4.36 -32.45
N THR R 27 -18.38 -5.59 -32.90
CA THR R 27 -19.36 -6.44 -33.60
C THR R 27 -19.39 -7.85 -32.98
N PRO R 28 -20.56 -8.26 -32.45
CA PRO R 28 -20.77 -9.68 -32.12
C PRO R 28 -21.10 -10.55 -33.37
N LYS R 29 -21.26 -9.92 -34.55
CA LYS R 29 -21.28 -10.64 -35.84
C LYS R 29 -22.52 -11.53 -35.99
N GLY S 1 -18.16 14.46 -33.83
CA GLY S 1 -18.08 13.17 -33.08
C GLY S 1 -19.25 12.90 -32.15
N ILE S 2 -19.45 11.63 -31.82
CA ILE S 2 -20.38 11.22 -30.76
C ILE S 2 -19.99 11.86 -29.40
N VAL S 3 -18.69 12.04 -29.18
CA VAL S 3 -18.15 12.76 -28.03
C VAL S 3 -18.52 14.25 -28.09
N GLU S 4 -18.61 14.79 -29.31
CA GLU S 4 -19.16 16.12 -29.53
C GLU S 4 -20.64 16.12 -29.16
N GLN S 5 -21.41 15.24 -29.80
CA GLN S 5 -22.85 15.15 -29.56
C GLN S 5 -23.30 14.79 -28.13
N CYS S 6 -22.54 13.92 -27.43
CA CYS S 6 -23.01 13.31 -26.17
C CYS S 6 -22.27 13.68 -24.90
N CYS S 7 -21.00 14.07 -24.98
CA CYS S 7 -20.25 14.50 -23.80
C CYS S 7 -20.24 16.05 -23.68
N THR S 8 -19.78 16.77 -24.70
CA THR S 8 -19.79 18.25 -24.68
C THR S 8 -21.21 18.80 -24.47
N SER S 9 -22.16 18.38 -25.31
CA SER S 9 -23.59 18.73 -25.13
C SER S 9 -24.35 17.48 -24.65
N ILE S 10 -25.69 17.52 -24.64
CA ILE S 10 -26.50 16.41 -24.11
C ILE S 10 -27.03 15.50 -25.23
N CYS S 11 -27.25 14.23 -24.89
CA CYS S 11 -27.83 13.22 -25.79
C CYS S 11 -29.04 12.54 -25.22
N SER S 12 -29.93 12.11 -26.10
CA SER S 12 -30.94 11.13 -25.71
C SER S 12 -30.40 9.75 -26.11
N LEU S 13 -30.97 8.70 -25.54
CA LEU S 13 -30.61 7.36 -25.95
C LEU S 13 -31.05 7.15 -27.44
N TYR S 14 -32.07 7.90 -27.86
CA TYR S 14 -32.61 7.78 -29.22
C TYR S 14 -31.60 8.26 -30.22
N GLN S 15 -30.96 9.40 -29.92
CA GLN S 15 -29.78 9.89 -30.63
C GLN S 15 -28.74 8.80 -30.84
N LEU S 16 -28.40 8.09 -29.76
CA LEU S 16 -27.34 7.08 -29.86
C LEU S 16 -27.72 5.92 -30.73
N GLU S 17 -29.03 5.68 -30.90
CA GLU S 17 -29.47 4.59 -31.77
C GLU S 17 -28.84 4.74 -33.16
N ASN S 18 -28.65 5.99 -33.62
CA ASN S 18 -27.95 6.28 -34.89
C ASN S 18 -26.56 5.66 -35.05
N TYR S 19 -25.78 5.66 -33.98
CA TYR S 19 -24.42 5.10 -34.02
C TYR S 19 -24.33 3.57 -34.03
N CYS S 20 -25.48 2.88 -33.97
CA CYS S 20 -25.53 1.41 -34.00
C CYS S 20 -25.21 0.83 -35.38
N ASN S 21 -25.05 -0.50 -35.40
CA ASN S 21 -24.58 -1.29 -36.55
C ASN S 21 -23.06 -1.18 -36.76
N HIS T 5 -23.07 12.92 -17.71
CA HIS T 5 -23.93 12.83 -18.93
C HIS T 5 -23.08 12.51 -20.14
N LEU T 6 -22.48 11.33 -20.06
CA LEU T 6 -22.02 10.51 -21.19
C LEU T 6 -20.68 10.93 -21.77
N CYS T 7 -19.70 10.88 -20.90
CA CYS T 7 -18.31 11.01 -21.28
C CYS T 7 -17.56 9.73 -20.91
N GLY T 8 -16.52 9.44 -21.66
CA GLY T 8 -15.59 8.39 -21.29
C GLY T 8 -16.26 7.03 -21.41
N SER T 9 -16.04 6.23 -20.38
CA SER T 9 -16.51 4.88 -20.25
C SER T 9 -18.07 4.84 -20.16
N HIS T 10 -18.68 5.93 -19.71
CA HIS T 10 -20.15 6.04 -19.56
C HIS T 10 -20.79 6.10 -20.94
N LEU T 11 -20.08 6.64 -21.92
CA LEU T 11 -20.63 6.75 -23.20
C LEU T 11 -20.54 5.41 -23.90
N VAL T 12 -19.46 4.65 -23.72
CA VAL T 12 -19.37 3.29 -24.24
C VAL T 12 -20.44 2.36 -23.66
N GLU T 13 -20.73 2.49 -22.38
CA GLU T 13 -21.76 1.67 -21.75
C GLU T 13 -23.17 2.14 -22.19
N ALA T 14 -23.40 3.45 -22.40
CA ALA T 14 -24.63 3.85 -23.05
C ALA T 14 -24.66 3.31 -24.49
N LEU T 15 -23.52 3.35 -25.17
CA LEU T 15 -23.53 2.86 -26.54
C LEU T 15 -23.82 1.36 -26.55
N TYR T 16 -23.29 0.63 -25.58
CA TYR T 16 -23.55 -0.82 -25.53
C TYR T 16 -25.02 -1.08 -25.15
N LEU T 17 -25.59 -0.25 -24.28
CA LEU T 17 -27.02 -0.37 -23.89
C LEU T 17 -27.97 -0.36 -25.08
N VAL T 18 -27.75 0.57 -26.01
CA VAL T 18 -28.61 0.77 -27.17
C VAL T 18 -28.18 -0.15 -28.33
N CYS T 19 -26.87 -0.23 -28.59
CA CYS T 19 -26.32 -1.01 -29.74
C CYS T 19 -25.64 -2.38 -29.48
N GLY T 20 -25.53 -2.82 -28.23
CA GLY T 20 -24.79 -4.06 -27.88
C GLY T 20 -25.07 -5.32 -28.72
N GLU T 21 -26.31 -5.51 -29.14
CA GLU T 21 -26.71 -6.71 -29.95
C GLU T 21 -26.37 -6.56 -31.43
N ARG T 22 -26.45 -5.33 -31.95
CA ARG T 22 -26.06 -5.02 -33.32
C ARG T 22 -24.57 -4.71 -33.45
N GLY T 23 -24.05 -4.00 -32.47
CA GLY T 23 -22.67 -3.54 -32.49
C GLY T 23 -22.64 -2.10 -32.90
N PHE T 24 -21.42 -1.57 -32.91
CA PHE T 24 -21.21 -0.16 -33.08
C PHE T 24 -19.72 0.16 -33.21
N PHE T 25 -19.45 1.39 -33.61
CA PHE T 25 -18.10 1.93 -33.66
C PHE T 25 -18.04 3.01 -32.59
N TYR T 26 -16.87 3.15 -31.99
CA TYR T 26 -16.61 4.25 -31.07
C TYR T 26 -15.33 4.85 -31.57
N THR T 27 -15.41 6.09 -32.06
CA THR T 27 -14.28 6.79 -32.68
C THR T 27 -14.25 8.24 -32.11
N PRO T 28 -13.78 8.39 -30.86
CA PRO T 28 -13.83 9.67 -30.14
C PRO T 28 -13.25 10.94 -30.81
N LYS T 29 -12.33 10.79 -31.76
CA LYS T 29 -11.69 11.94 -32.41
C LYS T 29 -12.64 12.77 -33.25
N GLY U 1 -32.97 14.21 -2.72
CA GLY U 1 -32.90 13.22 -1.60
C GLY U 1 -31.55 12.53 -1.59
N ILE U 2 -31.53 11.26 -1.99
CA ILE U 2 -30.27 10.49 -2.15
C ILE U 2 -29.19 11.24 -2.94
N VAL U 3 -29.59 11.98 -3.99
CA VAL U 3 -28.66 12.83 -4.74
C VAL U 3 -28.05 13.96 -3.86
N GLU U 4 -28.89 14.67 -3.10
CA GLU U 4 -28.42 15.64 -2.12
C GLU U 4 -27.43 15.00 -1.12
N GLN U 5 -27.90 13.93 -0.48
CA GLN U 5 -27.13 13.20 0.55
C GLN U 5 -25.81 12.60 0.06
N CYS U 6 -25.83 12.05 -1.17
CA CYS U 6 -24.69 11.30 -1.66
C CYS U 6 -23.94 11.88 -2.84
N CYS U 7 -24.50 12.85 -3.56
CA CYS U 7 -23.81 13.46 -4.71
C CYS U 7 -23.21 14.85 -4.37
N THR U 8 -24.04 15.85 -4.06
CA THR U 8 -23.55 17.11 -3.47
C THR U 8 -22.73 16.87 -2.17
N SER U 9 -23.39 16.52 -1.07
CA SER U 9 -22.69 16.15 0.18
C SER U 9 -22.15 14.71 0.06
N ILE U 10 -21.44 14.26 1.11
CA ILE U 10 -20.86 12.94 1.16
C ILE U 10 -21.80 12.00 1.86
N CYS U 11 -21.65 10.73 1.51
CA CYS U 11 -22.58 9.67 1.82
C CYS U 11 -21.80 8.62 2.54
N SER U 12 -22.34 8.10 3.62
CA SER U 12 -21.84 6.84 4.15
C SER U 12 -22.62 5.71 3.49
N LEU U 13 -21.96 4.57 3.30
CA LEU U 13 -22.64 3.36 2.81
C LEU U 13 -23.71 2.91 3.82
N TYR U 14 -23.48 3.17 5.12
CA TYR U 14 -24.52 3.01 6.13
C TYR U 14 -25.73 3.95 5.87
N GLN U 15 -25.48 5.19 5.45
CA GLN U 15 -26.57 6.11 5.08
C GLN U 15 -27.33 5.60 3.86
N LEU U 16 -26.60 5.14 2.86
CA LEU U 16 -27.23 4.55 1.70
C LEU U 16 -28.22 3.45 2.03
N GLU U 17 -27.98 2.73 3.12
CA GLU U 17 -28.85 1.65 3.60
C GLU U 17 -30.30 2.05 3.88
N ASN U 18 -30.57 3.34 4.08
CA ASN U 18 -31.94 3.85 4.28
C ASN U 18 -32.79 3.76 3.01
N TYR U 19 -32.13 3.68 1.86
CA TYR U 19 -32.84 3.54 0.60
C TYR U 19 -33.14 2.09 0.22
N CYS U 20 -32.71 1.13 1.03
CA CYS U 20 -33.05 -0.24 0.79
C CYS U 20 -34.44 -0.48 1.33
N ASN U 21 -35.16 -1.43 0.74
CA ASN U 21 -36.46 -1.85 1.23
C ASN U 21 -36.31 -2.87 2.37
N HIS V 5 -19.08 12.60 -3.59
CA HIS V 5 -18.39 11.33 -3.92
C HIS V 5 -19.16 10.46 -4.94
N LEU V 6 -20.41 10.16 -4.65
CA LEU V 6 -21.20 9.14 -5.43
C LEU V 6 -22.35 9.72 -6.27
N CYS V 7 -22.17 9.80 -7.58
CA CYS V 7 -23.12 10.39 -8.48
C CYS V 7 -23.37 9.47 -9.70
N GLY V 8 -24.46 9.74 -10.42
CA GLY V 8 -24.83 8.99 -11.64
C GLY V 8 -24.92 7.51 -11.42
N SER V 9 -24.42 6.72 -12.37
CA SER V 9 -24.43 5.26 -12.23
C SER V 9 -23.58 4.70 -11.07
N HIS V 10 -22.65 5.50 -10.55
CA HIS V 10 -21.83 5.07 -9.41
C HIS V 10 -22.78 5.02 -8.18
N LEU V 11 -23.72 5.96 -8.06
CA LEU V 11 -24.66 5.92 -6.97
C LEU V 11 -25.54 4.67 -7.08
N VAL V 12 -26.06 4.38 -8.27
CA VAL V 12 -26.90 3.22 -8.45
C VAL V 12 -26.11 1.97 -8.13
N GLU V 13 -24.80 1.97 -8.48
CA GLU V 13 -23.98 0.80 -8.15
C GLU V 13 -23.72 0.68 -6.64
N ALA V 14 -23.54 1.81 -5.96
CA ALA V 14 -23.45 1.77 -4.50
C ALA V 14 -24.75 1.23 -3.90
N LEU V 15 -25.90 1.65 -4.43
CA LEU V 15 -27.20 1.12 -3.89
C LEU V 15 -27.34 -0.38 -4.06
N TYR V 16 -27.00 -0.88 -5.24
CA TYR V 16 -27.02 -2.33 -5.50
C TYR V 16 -26.12 -3.11 -4.56
N LEU V 17 -24.95 -2.58 -4.27
CA LEU V 17 -23.99 -3.21 -3.36
C LEU V 17 -24.56 -3.36 -1.94
N VAL V 18 -25.13 -2.27 -1.46
CA VAL V 18 -25.49 -2.12 -0.05
C VAL V 18 -26.65 -3.01 0.33
N CYS V 19 -27.72 -2.81 -0.41
CA CYS V 19 -28.99 -3.48 -0.17
C CYS V 19 -28.97 -5.01 -0.43
N GLY V 20 -28.34 -5.44 -1.52
CA GLY V 20 -28.29 -6.85 -1.89
C GLY V 20 -29.60 -7.34 -2.52
N GLU V 21 -30.11 -8.44 -1.96
CA GLU V 21 -31.44 -8.96 -2.31
C GLU V 21 -32.64 -8.23 -1.65
N ARG V 22 -32.39 -7.24 -0.79
CA ARG V 22 -33.50 -6.38 -0.28
C ARG V 22 -34.08 -5.53 -1.39
N GLY V 23 -33.29 -5.21 -2.42
CA GLY V 23 -33.74 -4.28 -3.45
C GLY V 23 -33.77 -2.86 -2.94
N PHE V 24 -34.13 -1.91 -3.81
CA PHE V 24 -34.06 -0.48 -3.47
C PHE V 24 -34.85 0.34 -4.46
N PHE V 25 -34.89 1.64 -4.21
CA PHE V 25 -35.58 2.61 -5.05
C PHE V 25 -34.58 3.71 -5.30
N TYR V 26 -34.54 4.21 -6.53
CA TYR V 26 -33.66 5.28 -6.92
C TYR V 26 -34.54 6.33 -7.54
N THR V 27 -34.60 7.50 -6.88
CA THR V 27 -35.43 8.62 -7.26
C THR V 27 -34.60 9.90 -7.31
N PRO V 28 -34.06 10.24 -8.47
CA PRO V 28 -33.26 11.48 -8.48
C PRO V 28 -34.08 12.80 -8.34
N LYS V 29 -35.42 12.70 -8.22
CA LYS V 29 -36.35 13.84 -8.27
C LYS V 29 -36.18 14.87 -7.16
N GLY W 1 -39.67 -11.06 -11.26
CA GLY W 1 -39.89 -9.80 -12.03
C GLY W 1 -38.76 -9.58 -13.00
N ILE W 2 -38.04 -8.46 -12.85
CA ILE W 2 -36.99 -8.08 -13.81
C ILE W 2 -35.80 -9.06 -13.86
N VAL W 3 -35.37 -9.57 -12.71
CA VAL W 3 -34.31 -10.58 -12.70
C VAL W 3 -34.77 -11.84 -13.42
N GLU W 4 -35.94 -12.38 -13.03
CA GLU W 4 -36.50 -13.57 -13.71
C GLU W 4 -36.55 -13.34 -15.21
N GLN W 5 -37.08 -12.20 -15.63
CA GLN W 5 -37.30 -11.96 -17.04
C GLN W 5 -36.00 -11.62 -17.76
N CYS W 6 -35.20 -10.71 -17.21
CA CYS W 6 -34.12 -10.11 -18.00
C CYS W 6 -32.69 -10.70 -17.81
N CYS W 7 -32.54 -11.64 -16.87
CA CYS W 7 -31.38 -12.53 -16.76
C CYS W 7 -31.58 -13.90 -17.35
N THR W 8 -32.80 -14.20 -17.83
CA THR W 8 -33.07 -15.47 -18.52
C THR W 8 -33.14 -15.28 -20.03
N SER W 9 -33.38 -14.07 -20.47
CA SER W 9 -33.37 -13.77 -21.89
C SER W 9 -32.90 -12.31 -22.01
N ILE W 10 -32.47 -11.87 -23.19
CA ILE W 10 -31.94 -10.53 -23.33
C ILE W 10 -33.15 -9.65 -23.57
N CYS W 11 -33.36 -8.67 -22.69
CA CYS W 11 -34.49 -7.75 -22.82
C CYS W 11 -34.16 -6.60 -23.72
N SER W 12 -35.13 -6.22 -24.54
CA SER W 12 -35.17 -4.95 -25.28
C SER W 12 -35.30 -3.76 -24.33
N LEU W 13 -34.98 -2.58 -24.84
CA LEU W 13 -35.19 -1.37 -24.04
C LEU W 13 -36.65 -1.13 -23.66
N TYR W 14 -37.57 -1.56 -24.54
CA TYR W 14 -39.01 -1.47 -24.30
C TYR W 14 -39.39 -2.34 -23.12
N GLN W 15 -38.80 -3.53 -23.06
CA GLN W 15 -39.00 -4.43 -21.92
C GLN W 15 -38.40 -3.92 -20.61
N LEU W 16 -37.23 -3.28 -20.68
CA LEU W 16 -36.63 -2.64 -19.52
C LEU W 16 -37.38 -1.43 -19.07
N GLU W 17 -37.93 -0.66 -20.00
CA GLU W 17 -38.67 0.55 -19.65
C GLU W 17 -39.90 0.25 -18.79
N ASN W 18 -40.50 -0.91 -18.97
CA ASN W 18 -41.51 -1.40 -18.06
C ASN W 18 -41.21 -1.19 -16.59
N TYR W 19 -39.95 -1.37 -16.19
CA TYR W 19 -39.62 -1.32 -14.76
C TYR W 19 -39.33 0.08 -14.23
N CYS W 20 -39.42 1.11 -15.08
CA CYS W 20 -39.21 2.50 -14.63
C CYS W 20 -40.40 2.98 -13.80
N ASN W 21 -40.18 3.94 -12.92
CA ASN W 21 -41.29 4.59 -12.17
C ASN W 21 -42.28 5.29 -13.12
N VAL X 2 -24.18 -15.66 -7.40
CA VAL X 2 -23.99 -16.39 -8.70
C VAL X 2 -24.05 -15.45 -9.90
N ASN X 3 -24.44 -15.99 -11.06
CA ASN X 3 -24.58 -15.19 -12.24
C ASN X 3 -25.84 -14.33 -12.13
N GLN X 4 -26.92 -14.82 -11.51
CA GLN X 4 -28.13 -13.97 -11.35
C GLN X 4 -27.88 -12.61 -10.62
N HIS X 5 -27.05 -12.63 -9.59
CA HIS X 5 -26.68 -11.41 -8.82
C HIS X 5 -25.75 -10.45 -9.62
N LEU X 6 -24.83 -11.02 -10.40
CA LEU X 6 -24.06 -10.27 -11.38
C LEU X 6 -24.89 -9.69 -12.50
N CYS X 7 -25.84 -10.44 -13.05
CA CYS X 7 -26.80 -9.88 -14.02
C CYS X 7 -27.59 -8.71 -13.42
N GLY X 8 -27.92 -8.82 -12.14
CA GLY X 8 -28.62 -7.74 -11.45
C GLY X 8 -27.87 -6.43 -11.50
N SER X 9 -26.56 -6.47 -11.30
CA SER X 9 -25.73 -5.28 -11.35
C SER X 9 -25.78 -4.63 -12.74
N HIS X 10 -25.84 -5.45 -13.81
CA HIS X 10 -26.03 -4.93 -15.16
C HIS X 10 -27.43 -4.32 -15.39
N LEU X 11 -28.46 -5.01 -14.90
CA LEU X 11 -29.81 -4.54 -15.01
C LEU X 11 -30.04 -3.16 -14.35
N VAL X 12 -29.47 -2.89 -13.19
CA VAL X 12 -29.81 -1.60 -12.55
C VAL X 12 -29.08 -0.47 -13.28
N GLU X 13 -27.90 -0.77 -13.84
CA GLU X 13 -27.20 0.21 -14.65
C GLU X 13 -27.96 0.47 -15.95
N ALA X 14 -28.52 -0.56 -16.56
CA ALA X 14 -29.39 -0.34 -17.71
C ALA X 14 -30.63 0.50 -17.31
N LEU X 15 -31.24 0.21 -16.16
CA LEU X 15 -32.44 0.92 -15.78
C LEU X 15 -32.07 2.37 -15.48
N TYR X 16 -30.87 2.60 -14.93
CA TYR X 16 -30.46 3.97 -14.59
C TYR X 16 -30.53 4.89 -15.80
N LEU X 17 -30.02 4.40 -16.93
CA LEU X 17 -29.94 5.14 -18.19
C LEU X 17 -31.32 5.18 -18.93
N VAL X 18 -32.03 4.06 -18.91
CA VAL X 18 -33.30 3.88 -19.57
C VAL X 18 -34.37 4.79 -18.92
N CYS X 19 -34.49 4.69 -17.61
CA CYS X 19 -35.52 5.39 -16.85
C CYS X 19 -35.25 6.88 -16.67
N GLY X 20 -33.98 7.29 -16.66
CA GLY X 20 -33.63 8.72 -16.72
C GLY X 20 -34.13 9.43 -15.48
N GLU X 21 -34.69 10.63 -15.65
CA GLU X 21 -35.24 11.43 -14.56
C GLU X 21 -36.29 10.68 -13.70
N ARG X 22 -37.08 9.82 -14.36
CA ARG X 22 -38.14 9.06 -13.71
C ARG X 22 -37.72 8.14 -12.54
N GLY X 23 -36.48 7.67 -12.54
CA GLY X 23 -36.08 6.66 -11.56
C GLY X 23 -36.76 5.31 -11.72
N PHE X 24 -36.56 4.46 -10.74
CA PHE X 24 -37.06 3.09 -10.80
C PHE X 24 -36.97 2.45 -9.45
N PHE X 25 -37.69 1.36 -9.33
CA PHE X 25 -37.70 0.50 -8.17
C PHE X 25 -37.06 -0.82 -8.61
N TYR X 26 -36.08 -1.25 -7.86
CA TYR X 26 -35.42 -2.51 -8.07
C TYR X 26 -35.89 -3.40 -6.96
N THR X 27 -36.79 -4.32 -7.27
CA THR X 27 -37.11 -5.48 -6.41
C THR X 27 -36.59 -6.76 -7.10
N PRO X 28 -35.69 -7.53 -6.46
CA PRO X 28 -35.09 -8.70 -7.11
C PRO X 28 -35.83 -10.02 -6.87
N LYS X 29 -35.25 -11.10 -7.41
CA LYS X 29 -35.65 -12.47 -7.14
C LYS X 29 -34.43 -13.40 -7.35
N THR X 30 -33.56 -13.43 -6.34
CA THR X 30 -32.27 -14.13 -6.44
C THR X 30 -32.40 -15.65 -6.34
N GLY Y 1 1.93 7.44 -4.91
CA GLY Y 1 0.46 7.27 -4.98
C GLY Y 1 0.03 6.96 -6.40
N ILE Y 2 -0.72 5.88 -6.53
CA ILE Y 2 -1.42 5.58 -7.77
C ILE Y 2 -2.39 6.70 -8.12
N VAL Y 3 -3.05 7.27 -7.13
CA VAL Y 3 -3.90 8.44 -7.38
C VAL Y 3 -3.05 9.63 -7.89
N GLU Y 4 -1.92 9.84 -7.23
CA GLU Y 4 -0.94 10.82 -7.68
C GLU Y 4 -0.65 10.67 -9.16
N GLN Y 5 -0.14 9.50 -9.56
CA GLN Y 5 0.32 9.30 -10.97
C GLN Y 5 -0.77 9.18 -12.08
N CYS Y 6 -1.95 8.65 -11.72
CA CYS Y 6 -3.00 8.26 -12.68
C CYS Y 6 -4.30 9.03 -12.61
N CYS Y 7 -4.58 9.67 -11.48
CA CYS Y 7 -5.79 10.46 -11.34
C CYS Y 7 -5.56 11.96 -11.49
N THR Y 8 -4.59 12.53 -10.75
CA THR Y 8 -4.36 13.99 -10.83
C THR Y 8 -3.49 14.32 -12.05
N SER Y 9 -2.51 13.46 -12.33
CA SER Y 9 -1.83 13.48 -13.62
C SER Y 9 -2.21 12.24 -14.41
N ILE Y 10 -1.88 12.23 -15.69
CA ILE Y 10 -2.21 11.10 -16.58
C ILE Y 10 -1.16 10.00 -16.41
N CYS Y 11 -1.58 8.76 -16.65
CA CYS Y 11 -0.65 7.62 -16.75
C CYS Y 11 -1.10 6.64 -17.85
N SER Y 12 -0.16 6.18 -18.68
CA SER Y 12 -0.39 5.03 -19.55
C SER Y 12 -0.73 3.77 -18.74
N LEU Y 13 -1.53 2.89 -19.34
CA LEU Y 13 -1.78 1.55 -18.79
C LEU Y 13 -0.51 0.72 -18.55
N TYR Y 14 0.53 0.99 -19.33
CA TYR Y 14 1.77 0.30 -19.15
C TYR Y 14 2.29 0.78 -17.80
N GLN Y 15 2.21 2.09 -17.53
CA GLN Y 15 2.58 2.63 -16.20
C GLN Y 15 1.73 2.06 -15.04
N LEU Y 16 0.46 1.71 -15.32
CA LEU Y 16 -0.40 1.05 -14.33
C LEU Y 16 0.08 -0.34 -13.98
N GLU Y 17 0.76 -0.98 -14.93
CA GLU Y 17 1.30 -2.33 -14.72
C GLU Y 17 2.28 -2.42 -13.56
N ASN Y 18 2.95 -1.30 -13.24
CA ASN Y 18 3.80 -1.14 -12.03
C ASN Y 18 3.08 -1.56 -10.76
N TYR Y 19 1.76 -1.29 -10.69
CA TYR Y 19 0.97 -1.68 -9.52
C TYR Y 19 0.46 -3.11 -9.51
N CYS Y 20 0.87 -3.96 -10.45
CA CYS Y 20 0.43 -5.36 -10.39
C CYS Y 20 1.31 -6.11 -9.41
N ASN Y 21 1.03 -7.39 -9.21
CA ASN Y 21 1.96 -8.31 -8.56
C ASN Y 21 2.72 -9.08 -9.63
N GLN Z 4 -6.59 10.19 -21.20
CA GLN Z 4 -7.65 10.37 -20.14
C GLN Z 4 -7.05 10.54 -18.73
N HIS Z 5 -7.93 10.90 -17.78
CA HIS Z 5 -7.67 10.80 -16.34
C HIS Z 5 -8.45 9.61 -15.80
N LEU Z 6 -7.80 8.78 -14.99
CA LEU Z 6 -8.40 7.61 -14.36
C LEU Z 6 -8.63 7.83 -12.86
N CYS Z 7 -9.86 8.01 -12.41
CA CYS Z 7 -10.07 8.19 -10.95
C CYS Z 7 -11.22 7.36 -10.45
N GLY Z 8 -11.24 7.18 -9.13
CA GLY Z 8 -12.31 6.46 -8.42
C GLY Z 8 -12.35 5.01 -8.85
N SER Z 9 -13.55 4.48 -9.04
CA SER Z 9 -13.72 3.10 -9.50
C SER Z 9 -13.22 2.87 -10.94
N HIS Z 10 -12.97 3.94 -11.71
CA HIS Z 10 -12.42 3.79 -13.06
C HIS Z 10 -10.96 3.36 -12.99
N LEU Z 11 -10.23 3.94 -12.03
CA LEU Z 11 -8.86 3.58 -11.79
C LEU Z 11 -8.77 2.14 -11.30
N VAL Z 12 -9.70 1.71 -10.45
CA VAL Z 12 -9.76 0.33 -10.00
C VAL Z 12 -10.06 -0.55 -11.22
N GLU Z 13 -11.00 -0.14 -12.07
CA GLU Z 13 -11.36 -0.96 -13.28
C GLU Z 13 -10.17 -1.12 -14.25
N ALA Z 14 -9.39 -0.04 -14.44
CA ALA Z 14 -8.15 -0.08 -15.24
C ALA Z 14 -7.02 -0.92 -14.61
N LEU Z 15 -6.87 -0.86 -13.29
CA LEU Z 15 -6.02 -1.84 -12.58
C LEU Z 15 -6.44 -3.29 -12.83
N TYR Z 16 -7.74 -3.57 -12.73
CA TYR Z 16 -8.26 -4.95 -12.92
C TYR Z 16 -7.97 -5.37 -14.32
N LEU Z 17 -8.25 -4.52 -15.30
CA LEU Z 17 -7.83 -4.75 -16.67
C LEU Z 17 -6.33 -5.12 -16.88
N VAL Z 18 -5.41 -4.32 -16.32
CA VAL Z 18 -3.96 -4.47 -16.62
C VAL Z 18 -3.37 -5.64 -15.85
N CYS Z 19 -3.76 -5.80 -14.60
CA CYS Z 19 -3.17 -6.77 -13.70
C CYS Z 19 -4.08 -8.02 -13.68
N GLY Z 20 -5.03 -8.00 -12.73
CA GLY Z 20 -6.30 -8.71 -12.83
C GLY Z 20 -6.18 -10.18 -12.54
N GLU Z 21 -5.44 -10.86 -13.42
CA GLU Z 21 -5.09 -12.27 -13.24
C GLU Z 21 -3.91 -12.30 -12.25
N ARG Z 22 -2.88 -11.52 -12.52
CA ARG Z 22 -1.78 -11.29 -11.55
C ARG Z 22 -2.23 -10.76 -10.20
N GLY Z 23 -3.33 -10.02 -10.17
CA GLY Z 23 -3.82 -9.40 -8.94
C GLY Z 23 -3.07 -8.12 -8.65
N PHE Z 24 -3.54 -7.39 -7.66
CA PHE Z 24 -3.05 -6.05 -7.47
C PHE Z 24 -3.39 -5.52 -6.11
N PHE Z 25 -2.91 -4.31 -5.89
CA PHE Z 25 -3.11 -3.57 -4.64
C PHE Z 25 -3.59 -2.18 -5.02
N TYR Z 26 -4.61 -1.71 -4.32
CA TYR Z 26 -5.13 -0.39 -4.51
C TYR Z 26 -5.04 0.30 -3.18
N THR Z 27 -4.25 1.38 -3.17
CA THR Z 27 -3.89 2.14 -1.98
C THR Z 27 -4.07 3.64 -2.23
N PRO Z 28 -5.31 4.16 -2.06
CA PRO Z 28 -5.56 5.58 -2.33
C PRO Z 28 -4.72 6.63 -1.51
N LYS Z 29 -4.12 6.21 -0.39
CA LYS Z 29 -3.00 6.93 0.29
C LYS Z 29 -3.19 8.44 0.49
N GLY AA 1 -9.31 -16.96 -0.33
CA GLY AA 1 -9.80 -16.80 -1.73
C GLY AA 1 -11.13 -16.05 -1.82
N ILE AA 2 -11.07 -14.76 -2.14
CA ILE AA 2 -12.28 -13.97 -2.35
C ILE AA 2 -13.13 -14.50 -3.52
N VAL AA 3 -12.47 -14.99 -4.56
CA VAL AA 3 -13.10 -15.48 -5.78
C VAL AA 3 -13.84 -16.81 -5.57
N GLU AA 4 -13.23 -17.73 -4.83
CA GLU AA 4 -13.84 -19.03 -4.55
C GLU AA 4 -15.06 -18.87 -3.66
N GLN AA 5 -14.95 -18.02 -2.64
CA GLN AA 5 -16.12 -17.72 -1.81
C GLN AA 5 -17.14 -16.83 -2.53
N CYS AA 6 -16.70 -15.70 -3.05
CA CYS AA 6 -17.65 -14.65 -3.48
C CYS AA 6 -18.10 -14.71 -4.94
N CYS AA 7 -17.56 -15.64 -5.72
CA CYS AA 7 -18.18 -15.96 -7.01
C CYS AA 7 -19.03 -17.24 -7.01
N THR AA 8 -18.98 -18.05 -5.94
CA THR AA 8 -19.86 -19.25 -5.80
C THR AA 8 -21.12 -18.95 -5.04
N SER AA 9 -21.02 -18.08 -4.02
CA SER AA 9 -22.16 -17.60 -3.23
C SER AA 9 -22.19 -16.06 -3.27
N ILE AA 10 -23.30 -15.50 -2.82
CA ILE AA 10 -23.43 -14.06 -2.72
C ILE AA 10 -22.86 -13.66 -1.36
N CYS AA 11 -21.67 -13.06 -1.37
CA CYS AA 11 -21.02 -12.61 -0.14
C CYS AA 11 -21.74 -11.39 0.39
N SER AA 12 -21.74 -11.24 1.71
CA SER AA 12 -22.31 -10.05 2.32
C SER AA 12 -21.23 -9.00 2.41
N LEU AA 13 -21.63 -7.80 2.81
CA LEU AA 13 -20.66 -6.70 3.06
C LEU AA 13 -19.63 -7.01 4.16
N TYR AA 14 -20.06 -7.84 5.12
CA TYR AA 14 -19.19 -8.24 6.23
C TYR AA 14 -18.11 -9.18 5.72
N GLN AA 15 -18.49 -10.10 4.86
CA GLN AA 15 -17.53 -11.05 4.26
C GLN AA 15 -16.54 -10.32 3.34
N LEU AA 16 -17.06 -9.41 2.51
CA LEU AA 16 -16.24 -8.52 1.70
C LEU AA 16 -15.27 -7.63 2.49
N GLU AA 17 -15.68 -7.13 3.65
CA GLU AA 17 -14.79 -6.25 4.45
C GLU AA 17 -13.49 -6.98 4.85
N ASN AA 18 -13.55 -8.31 5.00
CA ASN AA 18 -12.37 -9.08 5.37
C ASN AA 18 -11.21 -8.96 4.41
N TYR AA 19 -11.46 -8.57 3.16
CA TYR AA 19 -10.40 -8.39 2.15
C TYR AA 19 -9.87 -6.95 2.05
N CYS AA 20 -10.45 -6.05 2.84
CA CYS AA 20 -9.92 -4.71 2.99
C CYS AA 20 -8.67 -4.78 3.86
N ASN AA 21 -7.53 -5.05 3.21
CA ASN AA 21 -6.22 -4.81 3.81
C ASN AA 21 -5.92 -3.32 3.62
N VAL BA 2 -15.65 -18.05 -18.62
CA VAL BA 2 -14.98 -16.76 -18.17
C VAL BA 2 -15.64 -16.08 -16.92
N ASN BA 3 -16.57 -16.80 -16.29
CA ASN BA 3 -17.44 -16.28 -15.24
C ASN BA 3 -16.62 -15.75 -14.12
N GLN BA 4 -15.62 -16.52 -13.72
CA GLN BA 4 -14.77 -16.14 -12.62
C GLN BA 4 -14.16 -14.75 -12.85
N HIS BA 5 -13.61 -14.54 -14.04
CA HIS BA 5 -12.92 -13.33 -14.37
C HIS BA 5 -13.82 -12.08 -14.35
N LEU BA 6 -14.98 -12.22 -15.00
CA LEU BA 6 -16.06 -11.26 -14.96
C LEU BA 6 -16.50 -10.95 -13.53
N CYS BA 7 -16.69 -11.98 -12.71
CA CYS BA 7 -17.05 -11.78 -11.29
C CYS BA 7 -15.99 -10.97 -10.51
N GLY BA 8 -14.70 -11.24 -10.74
CA GLY BA 8 -13.60 -10.45 -10.15
C GLY BA 8 -13.71 -8.93 -10.45
N SER BA 9 -14.19 -8.59 -11.65
CA SER BA 9 -14.46 -7.21 -12.06
C SER BA 9 -15.52 -6.60 -11.16
N HIS BA 10 -16.57 -7.36 -10.87
CA HIS BA 10 -17.61 -6.92 -9.93
C HIS BA 10 -17.08 -6.87 -8.46
N LEU BA 11 -16.26 -7.84 -8.10
CA LEU BA 11 -15.68 -7.88 -6.79
C LEU BA 11 -14.83 -6.64 -6.49
N VAL BA 12 -13.89 -6.31 -7.39
CA VAL BA 12 -13.01 -5.18 -7.13
C VAL BA 12 -13.78 -3.87 -7.02
N GLU BA 13 -14.84 -3.68 -7.82
CA GLU BA 13 -15.68 -2.49 -7.69
C GLU BA 13 -16.36 -2.46 -6.34
N ALA BA 14 -16.85 -3.61 -5.87
CA ALA BA 14 -17.31 -3.80 -4.50
C ALA BA 14 -16.27 -3.48 -3.41
N LEU BA 15 -15.04 -3.99 -3.53
CA LEU BA 15 -14.07 -3.69 -2.48
C LEU BA 15 -13.79 -2.21 -2.51
N TYR BA 16 -13.80 -1.57 -3.70
CA TYR BA 16 -13.49 -0.14 -3.80
C TYR BA 16 -14.39 0.67 -2.90
N LEU BA 17 -15.68 0.37 -3.03
CA LEU BA 17 -16.74 1.04 -2.27
C LEU BA 17 -16.66 0.66 -0.77
N VAL BA 18 -16.49 -0.62 -0.45
CA VAL BA 18 -16.50 -1.10 0.92
C VAL BA 18 -15.24 -0.71 1.71
N CYS BA 19 -14.08 -0.89 1.10
CA CYS BA 19 -12.84 -0.55 1.75
C CYS BA 19 -12.60 0.96 1.93
N GLY BA 20 -13.18 1.81 1.08
CA GLY BA 20 -13.01 3.27 1.15
C GLY BA 20 -11.54 3.63 1.25
N GLU BA 21 -11.20 4.53 2.17
CA GLU BA 21 -9.82 4.98 2.40
C GLU BA 21 -8.83 3.85 2.71
N ARG BA 22 -9.28 2.79 3.37
CA ARG BA 22 -8.40 1.67 3.72
C ARG BA 22 -7.76 0.93 2.52
N GLY BA 23 -8.36 1.01 1.32
CA GLY BA 23 -7.84 0.28 0.17
C GLY BA 23 -7.93 -1.24 0.31
N PHE BA 24 -7.33 -1.97 -0.62
CA PHE BA 24 -7.39 -3.40 -0.58
C PHE BA 24 -6.34 -4.00 -1.44
N PHE BA 25 -6.17 -5.29 -1.23
CA PHE BA 25 -5.27 -6.15 -1.96
C PHE BA 25 -6.22 -7.17 -2.61
N TYR BA 26 -6.09 -7.36 -3.91
CA TYR BA 26 -6.87 -8.33 -4.62
C TYR BA 26 -5.86 -9.30 -5.23
N THR BA 27 -5.94 -10.54 -4.78
CA THR BA 27 -5.00 -11.60 -5.12
C THR BA 27 -5.86 -12.85 -5.36
N PRO BA 28 -6.16 -13.17 -6.63
CA PRO BA 28 -6.95 -14.35 -6.96
C PRO BA 28 -6.08 -15.59 -7.02
N GLY CA 1 -5.00 33.47 13.19
CA GLY CA 1 -4.85 32.13 13.83
C GLY CA 1 -5.90 31.89 14.91
N ILE CA 2 -6.09 30.61 15.24
CA ILE CA 2 -7.03 30.24 16.32
C ILE CA 2 -6.74 30.94 17.66
N VAL CA 3 -5.47 31.02 18.06
CA VAL CA 3 -5.02 31.79 19.25
C VAL CA 3 -5.47 33.25 19.13
N GLU CA 4 -5.28 33.87 17.97
CA GLU CA 4 -5.84 35.20 17.72
C GLU CA 4 -7.38 35.21 17.84
N GLN CA 5 -8.03 34.29 17.13
CA GLN CA 5 -9.50 34.22 17.10
C GLN CA 5 -10.20 33.74 18.39
N CYS CA 6 -9.48 32.99 19.24
CA CYS CA 6 -10.07 32.36 20.45
C CYS CA 6 -9.42 32.67 21.80
N CYS CA 7 -8.16 33.14 21.81
CA CYS CA 7 -7.48 33.49 23.07
C CYS CA 7 -7.42 34.99 23.31
N THR CA 8 -6.86 35.76 22.37
CA THR CA 8 -6.85 37.23 22.46
C THR CA 8 -8.28 37.76 22.43
N SER CA 9 -9.05 37.29 21.44
CA SER CA 9 -10.49 37.57 21.31
C SER CA 9 -11.33 36.39 21.86
N ILE CA 10 -12.65 36.59 21.96
CA ILE CA 10 -13.62 35.54 22.32
C ILE CA 10 -14.00 34.74 21.08
N CYS CA 11 -14.14 33.41 21.24
CA CYS CA 11 -14.79 32.57 20.23
C CYS CA 11 -15.74 31.56 20.87
N SER CA 12 -16.80 31.27 20.14
CA SER CA 12 -17.80 30.28 20.56
C SER CA 12 -17.35 28.91 20.07
N LEU CA 13 -17.86 27.89 20.75
CA LEU CA 13 -17.69 26.51 20.30
C LEU CA 13 -18.10 26.28 18.83
N TYR CA 14 -19.12 27.02 18.37
CA TYR CA 14 -19.60 26.90 16.98
C TYR CA 14 -18.51 27.36 16.04
N GLN CA 15 -17.86 28.47 16.40
CA GLN CA 15 -16.73 28.97 15.63
C GLN CA 15 -15.59 27.94 15.62
N LEU CA 16 -15.28 27.38 16.78
CA LEU CA 16 -14.18 26.39 16.85
C LEU CA 16 -14.43 25.21 15.94
N GLU CA 17 -15.70 24.91 15.68
CA GLU CA 17 -16.00 23.78 14.84
C GLU CA 17 -15.39 23.93 13.43
N ASN CA 18 -15.24 25.19 13.00
CA ASN CA 18 -14.48 25.53 11.78
C ASN CA 18 -13.08 24.97 11.67
N TYR CA 19 -12.44 24.66 12.80
CA TYR CA 19 -11.08 24.09 12.77
C TYR CA 19 -11.05 22.57 12.67
N CYS CA 20 -12.21 21.90 12.78
CA CYS CA 20 -12.28 20.46 12.61
C CYS CA 20 -11.93 20.04 11.20
N ASN CA 21 -11.38 18.83 11.06
CA ASN CA 21 -11.37 18.13 9.77
C ASN CA 21 -12.78 17.56 9.50
N HIS DA 5 -11.08 34.17 26.98
CA HIS DA 5 -11.76 32.86 27.19
C HIS DA 5 -10.74 31.70 27.03
N LEU DA 6 -10.29 31.37 25.81
CA LEU DA 6 -9.60 30.05 25.54
C LEU DA 6 -8.13 30.12 25.13
N CYS DA 7 -7.23 29.85 26.06
CA CYS DA 7 -5.81 29.95 25.84
C CYS DA 7 -5.05 28.69 26.29
N GLY DA 8 -3.95 28.39 25.60
CA GLY DA 8 -3.00 27.37 26.07
C GLY DA 8 -3.67 26.03 25.91
N SER DA 9 -3.55 25.19 26.92
N SER DA 9 -3.55 25.18 26.92
CA SER DA 9 -4.08 23.84 26.89
CA SER DA 9 -4.09 23.82 26.91
C SER DA 9 -5.61 23.77 26.92
C SER DA 9 -5.62 23.77 26.92
N HIS DA 10 -6.25 24.83 27.44
CA HIS DA 10 -7.73 24.98 27.42
C HIS DA 10 -8.31 25.17 26.02
N LEU DA 11 -7.55 25.81 25.15
CA LEU DA 11 -7.89 25.86 23.75
C LEU DA 11 -7.83 24.47 23.14
N VAL DA 12 -6.77 23.71 23.42
CA VAL DA 12 -6.66 22.36 22.87
C VAL DA 12 -7.77 21.46 23.41
N GLU DA 13 -8.09 21.53 24.70
CA GLU DA 13 -9.27 20.80 25.27
C GLU DA 13 -10.61 21.16 24.61
N ALA DA 14 -10.85 22.45 24.34
CA ALA DA 14 -12.07 22.84 23.67
C ALA DA 14 -12.06 22.30 22.23
N LEU DA 15 -10.89 22.35 21.59
CA LEU DA 15 -10.80 21.80 20.24
C LEU DA 15 -11.13 20.32 20.29
N TYR DA 16 -10.71 19.61 21.33
CA TYR DA 16 -11.01 18.18 21.43
C TYR DA 16 -12.48 17.92 21.69
N LEU DA 17 -13.11 18.77 22.48
CA LEU DA 17 -14.54 18.69 22.77
C LEU DA 17 -15.43 18.75 21.48
N VAL DA 18 -15.02 19.60 20.53
CA VAL DA 18 -15.78 19.86 19.31
C VAL DA 18 -15.29 18.99 18.12
N CYS DA 19 -13.98 18.71 18.03
CA CYS DA 19 -13.38 18.03 16.85
C CYS DA 19 -12.72 16.64 17.10
N GLY DA 20 -12.78 16.16 18.35
CA GLY DA 20 -12.06 14.97 18.81
C GLY DA 20 -12.44 13.70 18.07
N GLU DA 21 -13.71 13.63 17.67
CA GLU DA 21 -14.19 12.52 16.81
C GLU DA 21 -13.72 12.64 15.34
N ARG DA 22 -13.58 13.88 14.84
CA ARG DA 22 -13.22 14.17 13.45
C ARG DA 22 -11.69 14.30 13.24
N GLY DA 23 -11.03 15.04 14.11
CA GLY DA 23 -9.64 15.38 13.99
C GLY DA 23 -9.54 16.88 13.88
N PHE DA 24 -8.36 17.40 14.15
CA PHE DA 24 -8.09 18.84 13.96
C PHE DA 24 -6.58 19.05 13.88
N PHE DA 25 -6.17 20.15 13.27
CA PHE DA 25 -4.78 20.59 13.34
C PHE DA 25 -4.75 21.71 14.35
N TYR DA 26 -3.76 21.69 15.22
CA TYR DA 26 -3.51 22.79 16.12
C TYR DA 26 -2.20 23.38 15.72
N THR DA 27 -2.25 24.67 15.43
CA THR DA 27 -1.10 25.42 14.93
C THR DA 27 -1.22 26.84 15.46
N PRO DA 28 -0.53 27.14 16.55
CA PRO DA 28 -0.61 28.46 17.13
N GLY EA 1 -1.80 5.32 13.45
CA GLY EA 1 -2.66 6.16 14.35
C GLY EA 1 -2.04 6.39 15.73
N ILE EA 2 -2.14 7.61 16.25
CA ILE EA 2 -1.69 7.88 17.63
C ILE EA 2 -2.57 7.14 18.63
N VAL EA 3 -3.90 7.09 18.40
CA VAL EA 3 -4.77 6.39 19.33
C VAL EA 3 -4.45 4.89 19.29
N GLU EA 4 -4.38 4.34 18.08
CA GLU EA 4 -4.04 2.93 17.92
C GLU EA 4 -2.73 2.59 18.62
N GLN EA 5 -1.75 3.49 18.52
CA GLN EA 5 -0.43 3.27 19.08
C GLN EA 5 -0.40 3.57 20.59
N CYS EA 6 -0.80 4.79 20.94
CA CYS EA 6 -0.52 5.31 22.29
C CYS EA 6 -1.63 5.14 23.34
N CYS EA 7 -2.78 4.58 22.94
CA CYS EA 7 -3.80 4.17 23.91
C CYS EA 7 -3.76 2.68 24.26
N THR EA 8 -3.01 1.89 23.50
CA THR EA 8 -2.84 0.45 23.76
C THR EA 8 -1.55 0.15 24.55
N SER EA 9 -0.54 1.01 24.37
CA SER EA 9 0.69 0.96 25.15
C SER EA 9 1.06 2.39 25.52
N ILE EA 10 1.98 2.55 26.49
CA ILE EA 10 2.39 3.85 26.91
C ILE EA 10 3.44 4.36 25.93
N CYS EA 11 3.16 5.45 25.24
CA CYS EA 11 4.15 6.05 24.38
C CYS EA 11 5.21 6.81 25.17
N SER EA 12 6.45 6.75 24.69
CA SER EA 12 7.54 7.58 25.17
C SER EA 12 7.36 8.92 24.52
N LEU EA 13 8.10 9.92 24.98
CA LEU EA 13 8.00 11.23 24.38
C LEU EA 13 8.52 11.23 22.94
N TYR EA 14 9.45 10.31 22.64
CA TYR EA 14 10.00 10.15 21.30
C TYR EA 14 8.88 9.83 20.34
N GLN EA 15 8.05 8.89 20.77
CA GLN EA 15 6.96 8.38 20.02
C GLN EA 15 5.86 9.41 19.86
N LEU EA 16 5.50 10.13 20.93
CA LEU EA 16 4.50 11.23 20.87
C LEU EA 16 4.99 12.31 19.92
N GLU EA 17 6.29 12.60 19.94
CA GLU EA 17 6.84 13.67 19.09
C GLU EA 17 6.70 13.40 17.58
N ASN EA 18 6.53 12.12 17.21
CA ASN EA 18 6.19 11.78 15.83
C ASN EA 18 5.00 12.51 15.26
N TYR EA 19 4.04 12.81 16.12
CA TYR EA 19 2.77 13.40 15.71
C TYR EA 19 2.77 14.92 15.73
N CYS EA 20 3.89 15.55 16.08
CA CYS EA 20 4.05 16.99 15.92
C CYS EA 20 4.10 17.40 14.42
N ASN EA 21 3.77 18.67 14.12
CA ASN EA 21 3.73 19.20 12.72
C ASN EA 21 5.15 19.43 12.22
N VAL FA 2 -16.06 4.19 26.12
CA VAL FA 2 -15.41 5.53 26.05
C VAL FA 2 -13.84 5.60 26.14
N ASN FA 3 -13.16 4.46 26.38
CA ASN FA 3 -11.80 4.44 26.89
C ASN FA 3 -10.86 5.07 25.89
N GLN FA 4 -11.03 4.76 24.60
CA GLN FA 4 -10.20 5.42 23.56
C GLN FA 4 -10.42 6.93 23.54
N HIS FA 5 -11.69 7.33 23.59
CA HIS FA 5 -12.06 8.73 23.52
C HIS FA 5 -11.38 9.57 24.61
N LEU FA 6 -11.49 9.09 25.83
CA LEU FA 6 -10.85 9.69 27.02
C LEU FA 6 -9.36 9.69 26.85
N CYS FA 7 -8.80 8.56 26.40
CA CYS FA 7 -7.38 8.49 26.17
C CYS FA 7 -6.95 9.58 25.23
N GLY FA 8 -7.68 9.75 24.11
CA GLY FA 8 -7.38 10.80 23.11
C GLY FA 8 -7.32 12.19 23.74
N SER FA 9 -8.20 12.44 24.71
CA SER FA 9 -8.21 13.72 25.47
C SER FA 9 -6.88 13.93 26.14
N HIS FA 10 -6.36 12.84 26.69
CA HIS FA 10 -5.03 12.87 27.29
C HIS FA 10 -3.92 13.05 26.27
N LEU FA 11 -4.03 12.39 25.13
CA LEU FA 11 -3.05 12.46 24.09
C LEU FA 11 -2.86 13.91 23.56
N VAL FA 12 -3.95 14.61 23.26
CA VAL FA 12 -3.83 15.96 22.72
C VAL FA 12 -3.19 16.95 23.68
N GLU FA 13 -3.54 16.80 24.95
CA GLU FA 13 -2.95 17.58 26.00
C GLU FA 13 -1.42 17.32 26.08
N ALA FA 14 -1.02 16.07 25.93
CA ALA FA 14 0.40 15.71 25.87
C ALA FA 14 1.12 16.32 24.63
N LEU FA 15 0.48 16.22 23.46
CA LEU FA 15 1.01 16.80 22.21
C LEU FA 15 1.16 18.29 22.30
N TYR FA 16 0.20 18.96 22.94
CA TYR FA 16 0.28 20.40 23.13
C TYR FA 16 1.64 20.75 23.82
N LEU FA 17 1.97 20.11 24.93
CA LEU FA 17 3.22 20.39 25.63
C LEU FA 17 4.45 19.85 24.83
N VAL FA 18 4.32 18.65 24.23
CA VAL FA 18 5.44 18.01 23.51
C VAL FA 18 5.84 18.78 22.23
N CYS FA 19 4.85 19.16 21.44
CA CYS FA 19 5.11 19.84 20.19
C CYS FA 19 5.36 21.34 20.28
N GLY FA 20 4.82 22.02 21.28
CA GLY FA 20 4.88 23.50 21.37
C GLY FA 20 4.43 24.35 20.17
N GLU FA 21 5.35 25.19 19.67
CA GLU FA 21 5.06 26.10 18.57
C GLU FA 21 4.81 25.36 17.24
N ARG FA 22 5.39 24.18 17.05
CA ARG FA 22 5.11 23.41 15.86
C ARG FA 22 3.63 23.10 15.84
N GLY FA 23 3.12 22.67 16.98
CA GLY FA 23 1.77 22.21 17.05
C GLY FA 23 1.71 20.81 16.52
N PHE FA 24 0.50 20.38 16.16
CA PHE FA 24 0.26 18.97 15.83
C PHE FA 24 -1.02 18.80 15.06
N PHE FA 25 -1.13 17.66 14.35
CA PHE FA 25 -2.38 17.19 13.75
C PHE FA 25 -2.90 16.01 14.56
N TYR FA 26 -4.18 16.08 14.91
CA TYR FA 26 -4.80 15.00 15.65
C TYR FA 26 -5.80 14.39 14.70
N THR FA 27 -5.51 13.16 14.26
CA THR FA 27 -6.37 12.35 13.38
C THR FA 27 -6.79 11.11 14.19
N PRO FA 28 -8.07 11.05 14.61
CA PRO FA 28 -8.52 9.85 15.34
C PRO FA 28 -8.70 8.60 14.44
N LYS FA 29 -9.00 8.78 13.14
CA LYS FA 29 -9.29 7.68 12.22
C LYS FA 29 -8.75 7.94 10.81
ZN ZN GA . -16.99 -27.77 28.66
CL CL HA . -17.55 -30.24 28.44
OH SRO IA . -20.90 -7.07 21.87
CZ3 SRO IA . -21.16 -8.24 22.51
CH2 SRO IA . -20.08 -8.87 23.10
CZ2 SRO IA . -20.23 -10.06 23.81
CE2 SRO IA . -21.48 -10.65 23.91
NE1 SRO IA . -21.92 -11.79 24.48
CD1 SRO IA . -23.25 -11.91 24.31
CG SRO IA . -23.78 -10.85 23.60
CD2 SRO IA . -22.63 -9.95 23.28
CE3 SRO IA . -22.45 -8.77 22.58
CB SRO IA . -25.24 -10.71 23.22
CA SRO IA . -25.86 -9.45 23.83
NZ SRO IA . -26.99 -8.98 22.99
ZN ZN JA . -13.74 -12.32 30.01
CL CL KA . -13.22 -9.88 30.18
OH SRO LA . 9.44 7.65 -10.42
CZ3 SRO LA . 9.10 6.64 -9.56
CH2 SRO LA . 9.70 5.38 -9.56
CZ2 SRO LA . 9.31 4.41 -8.63
CE2 SRO LA . 8.31 4.71 -7.72
NE1 SRO LA . 7.68 4.06 -6.74
CD1 SRO LA . 6.73 4.82 -6.12
CG SRO LA . 6.64 6.08 -6.68
CD2 SRO LA . 7.67 6.04 -7.76
CE3 SRO LA . 8.09 6.99 -8.67
CB SRO LA . 5.75 7.27 -6.36
CA SRO LA . 6.43 8.22 -5.37
NZ SRO LA . 5.49 9.19 -4.82
ZN ZN MA . 23.34 -7.56 1.11
CL CL NA . 22.77 -9.97 1.02
OH SRO OA . 24.46 10.04 15.01
CZ3 SRO OA . 24.79 8.93 14.29
CH2 SRO OA . 24.68 8.94 12.90
CZ2 SRO OA . 25.01 7.83 12.14
CE2 SRO OA . 25.48 6.69 12.76
NE1 SRO OA . 25.87 5.47 12.36
CD1 SRO OA . 26.26 4.69 13.39
CG SRO OA . 26.13 5.36 14.59
CD2 SRO OA . 25.61 6.70 14.23
CE3 SRO OA . 25.23 7.80 14.97
CB SRO OA . 26.43 4.88 15.99
CA SRO OA . 27.56 5.70 16.61
NZ SRO OA . 27.72 5.49 18.04
ZN ZN PA . 26.68 8.07 3.07
OH SRO QA . 38.30 8.92 0.09
CZ3 SRO QA . 37.44 7.99 -0.36
CH2 SRO QA . 36.26 7.83 0.34
CZ2 SRO QA . 35.33 6.87 -0.03
CE2 SRO QA . 35.54 6.07 -1.14
NE1 SRO QA . 34.85 5.07 -1.73
CD1 SRO QA . 35.47 4.60 -2.84
CG SRO QA . 36.69 5.26 -3.00
CD2 SRO QA . 36.79 6.27 -1.90
CE3 SRO QA . 37.72 7.21 -1.49
CB SRO QA . 37.65 5.01 -4.13
CA SRO QA . 37.63 6.25 -5.03
NZ SRO QA . 38.94 6.45 -5.61
OH SRO RA . 21.83 0.57 23.33
CZ3 SRO RA . 22.59 -0.43 22.81
CH2 SRO RA . 22.10 -1.34 21.86
CZ2 SRO RA . 22.93 -2.35 21.35
CE2 SRO RA . 24.24 -2.46 21.82
NE1 SRO RA . 25.28 -3.27 21.60
CD1 SRO RA . 26.35 -2.94 22.35
CG SRO RA . 26.14 -1.84 23.17
CD2 SRO RA . 24.73 -1.49 22.85
CE3 SRO RA . 23.88 -0.50 23.31
CB SRO RA . 27.06 -1.16 24.15
CA SRO RA . 27.50 0.25 23.79
NZ SRO RA . 28.96 0.41 23.67
OH SRO SA . 44.86 -1.75 -4.73
CZ3 SRO SA . 44.03 -1.90 -5.79
CH2 SRO SA . 43.01 -2.84 -5.71
CZ2 SRO SA . 42.13 -3.04 -6.78
CE2 SRO SA . 42.27 -2.28 -7.95
NE1 SRO SA . 41.63 -2.22 -9.11
CD1 SRO SA . 42.18 -1.29 -9.93
CG SRO SA . 43.26 -0.65 -9.34
CD2 SRO SA . 43.37 -1.28 -7.99
CE3 SRO SA . 44.23 -1.11 -6.92
CB SRO SA . 44.14 0.44 -9.91
CA SRO SA . 43.46 1.26 -11.00
NZ SRO SA . 44.31 2.36 -11.45
OH SRO TA . 19.14 13.50 -4.69
CZ3 SRO TA . 18.97 12.35 -4.02
CH2 SRO TA . 20.09 11.78 -3.44
CZ2 SRO TA . 20.03 10.56 -2.75
CE2 SRO TA . 18.81 9.91 -2.64
NE1 SRO TA . 18.41 8.76 -2.06
CD1 SRO TA . 17.08 8.56 -2.20
CG SRO TA . 16.52 9.59 -2.94
CD2 SRO TA . 17.62 10.54 -3.25
CE3 SRO TA . 17.73 11.73 -3.94
CB SRO TA . 15.06 9.71 -3.29
CA SRO TA . 14.49 10.89 -2.52
NZ SRO TA . 13.33 11.45 -3.23
CL CL UA . 27.24 10.37 3.33
OH SRO VA . -11.45 -12.14 -22.22
CZ3 SRO VA . -11.62 -11.05 -21.43
CH2 SRO VA . -12.88 -10.59 -21.06
CZ2 SRO VA . -13.04 -9.48 -20.23
CE2 SRO VA . -11.92 -8.79 -19.76
NE1 SRO VA . -11.70 -7.70 -19.01
CD1 SRO VA . -10.37 -7.47 -18.87
CG SRO VA . -9.58 -8.39 -19.56
CD2 SRO VA . -10.58 -9.29 -20.18
CE3 SRO VA . -10.46 -10.40 -21.00
CB SRO VA . -8.08 -8.49 -19.67
CA SRO VA . -7.59 -9.60 -18.76
NZ SRO VA . -6.40 -10.26 -19.29
ZN ZN WA . -20.68 -8.26 -15.28
ZN ZN XA . -17.70 7.45 -13.77
CL CL YA . -17.17 9.90 -13.87
OH SRO ZA . -31.71 -8.54 -20.37
CZ3 SRO ZA . -30.68 -7.65 -20.36
CH2 SRO ZA . -29.64 -7.73 -19.43
CZ2 SRO ZA . -28.60 -6.81 -19.42
CE2 SRO ZA . -28.57 -5.79 -20.37
NE1 SRO ZA . -27.78 -4.75 -20.66
CD1 SRO ZA . -28.23 -4.05 -21.73
CG SRO ZA . -29.41 -4.59 -22.23
CD2 SRO ZA . -29.68 -5.74 -21.34
CE3 SRO ZA . -30.70 -6.66 -21.31
CB SRO ZA . -30.28 -4.15 -23.39
CA SRO ZA . -30.15 -5.13 -24.55
NZ SRO ZA . -31.35 -5.12 -25.40
CL CL AB . -21.19 -10.53 -15.44
OH SRO BB . 4.82 -0.22 -24.89
CZ3 SRO BB . 5.17 0.76 -24.00
CH2 SRO BB . 5.00 2.10 -24.31
CZ2 SRO BB . 5.35 3.12 -23.42
CE2 SRO BB . 5.88 2.79 -22.17
NE1 SRO BB . 6.31 3.49 -21.11
CD1 SRO BB . 6.74 2.67 -20.12
CG SRO BB . 6.64 1.33 -20.48
CD2 SRO BB . 6.06 1.35 -21.85
CE3 SRO BB . 5.70 0.37 -22.77
CB SRO BB . 7.03 0.12 -19.66
CA SRO BB . 8.47 0.18 -19.17
NZ SRO BB . 8.58 0.07 -17.73
OH SRO CB . -1.45 -4.16 -25.71
CZ3 SRO CB . -1.25 -3.65 -24.46
CH2 SRO CB . -1.80 -2.42 -24.11
CZ2 SRO CB . -1.60 -1.87 -22.85
CE2 SRO CB . -0.85 -2.57 -21.90
NE1 SRO CB . -0.46 -2.34 -20.64
CD1 SRO CB . 0.28 -3.38 -20.15
CG SRO CB . 0.47 -4.38 -21.10
CD2 SRO CB . -0.27 -3.88 -22.30
CE3 SRO CB . -0.48 -4.39 -23.57
CB SRO CB . 1.22 -5.68 -21.00
CA SRO CB . 0.22 -6.75 -20.60
NZ SRO CB . 0.84 -8.03 -20.39
OH SRO DB . -20.15 -12.02 -3.64
CZ3 SRO DB . -20.46 -10.84 -4.23
CH2 SRO DB . -20.11 -10.62 -5.57
CZ2 SRO DB . -20.40 -9.42 -6.20
CE2 SRO DB . -21.03 -8.39 -5.49
NE1 SRO DB . -21.45 -7.16 -5.80
CD1 SRO DB . -22.05 -6.57 -4.73
CG SRO DB . -22.06 -7.40 -3.62
CD2 SRO DB . -21.39 -8.66 -4.08
CE3 SRO DB . -21.11 -9.86 -3.48
CB SRO DB . -22.63 -7.14 -2.25
CA SRO DB . -24.07 -7.60 -2.18
NZ SRO DB . -24.29 -8.61 -1.16
OH SRO EB . -22.04 21.61 16.09
CZ3 SRO EB . -22.03 22.17 17.33
CH2 SRO EB . -21.03 23.06 17.68
CZ2 SRO EB . -20.98 23.64 18.95
CE2 SRO EB . -21.93 23.35 19.91
NE1 SRO EB . -22.18 23.72 21.18
CD1 SRO EB . -23.27 23.10 21.69
CG SRO EB . -23.83 22.27 20.74
CD2 SRO EB . -22.99 22.38 19.52
CE3 SRO EB . -23.03 21.82 18.25
CB SRO EB . -25.08 21.42 20.86
CA SRO EB . -26.14 22.03 19.95
NZ SRO EB . -26.31 23.47 20.16
ZN ZN FB . -5.47 26.35 33.24
CL CL GB . -6.18 28.73 33.65
OH SRO HB . -19.56 10.75 26.11
CZ3 SRO HB . -18.55 11.67 26.21
CH2 SRO HB . -17.64 11.65 27.26
CZ2 SRO HB . -16.62 12.59 27.37
CE2 SRO HB . -16.51 13.58 26.40
NE1 SRO HB . -15.68 14.62 26.19
CD1 SRO HB . -16.00 15.29 25.05
CG SRO HB . -17.10 14.75 24.43
CD2 SRO HB . -17.49 13.60 25.29
CE3 SRO HB . -18.50 12.65 25.21
CB SRO HB . -17.79 15.20 23.16
CA SRO HB . -17.77 14.11 22.09
NZ SRO HB . -18.86 14.31 21.14
ZN ZN IB . -8.83 10.93 31.94
CL CL JB . -9.34 8.53 31.76
#